data_7AQL
#
_entry.id   7AQL
#
_cell.length_a   190.398
_cell.length_b   55.577
_cell.length_c   102.493
_cell.angle_alpha   90.000
_cell.angle_beta   90.280
_cell.angle_gamma   90.000
#
_symmetry.space_group_name_H-M   'C 1 2 1'
#
loop_
_entity.id
_entity.type
_entity.pdbx_description
1 polymer scFv-33H1F7
2 non-polymer 'SULFATE ION'
3 water water
#
_entity_poly.entity_id   1
_entity_poly.type   'polypeptide(L)'
_entity_poly.pdbx_seq_one_letter_code
;QVQLQQSGAEVVKPGASVKLACTASGFNIKDTYIHWVKQGPEQGLEWIGRIDPANGNTKYDSKFQDKATITADTSSNTAY
LHLSSLTSEDTAVYYCVRGDYDYVYFDYWGQGTTVTVSSGGGGSGGGGSGGGGSDIQMTQSPSSLSASLGDRVTISCRAS
QDISNFLDWYQQKPDGTVKLLIYYTSRLHSGVPSRFSGSGSGTDYSLTISKLEQEDIATYFCQQGNTFPPTFGGGTKLEI
KR
;
_entity_poly.pdbx_strand_id   B,A,C,D
#
# COMPACT_ATOMS: atom_id res chain seq x y z
N GLN A 1 -1.24 -24.16 40.49
CA GLN A 1 -2.61 -24.10 39.98
C GLN A 1 -2.61 -23.87 38.48
N VAL A 2 -3.79 -24.03 37.88
CA VAL A 2 -3.95 -23.98 36.43
C VAL A 2 -3.61 -22.59 35.90
N GLN A 3 -2.74 -22.56 34.88
CA GLN A 3 -2.41 -21.31 34.20
C GLN A 3 -2.30 -21.56 32.71
N LEU A 4 -2.69 -20.55 31.93
CA LEU A 4 -2.52 -20.52 30.48
C LEU A 4 -1.86 -19.19 30.14
N GLN A 5 -0.53 -19.15 30.08
CA GLN A 5 0.18 -17.88 29.90
C GLN A 5 0.42 -17.63 28.42
N GLN A 6 -0.30 -16.63 27.87
CA GLN A 6 -0.26 -16.37 26.44
C GLN A 6 0.84 -15.36 26.08
N SER A 7 1.35 -15.50 24.86
CA SER A 7 2.42 -14.66 24.35
C SER A 7 1.95 -13.22 24.16
N GLY A 8 2.92 -12.31 24.01
CA GLY A 8 2.63 -10.90 23.91
C GLY A 8 2.03 -10.50 22.57
N ALA A 9 1.47 -9.29 22.55
CA ALA A 9 0.76 -8.79 21.38
C ALA A 9 1.65 -8.75 20.13
N GLU A 10 1.01 -8.94 18.99
CA GLU A 10 1.67 -8.92 17.69
C GLU A 10 1.15 -7.72 16.91
N VAL A 11 2.08 -6.96 16.32
CA VAL A 11 1.75 -5.87 15.41
C VAL A 11 2.42 -6.22 14.09
N VAL A 12 1.63 -6.43 13.05
CA VAL A 12 2.14 -6.97 11.79
C VAL A 12 1.48 -6.26 10.62
N LYS A 13 2.09 -6.44 9.46
CA LYS A 13 1.62 -5.86 8.21
C LYS A 13 0.70 -6.84 7.48
N PRO A 14 -0.24 -6.32 6.71
CA PRO A 14 -1.09 -7.20 5.88
C PRO A 14 -0.25 -8.15 5.02
N GLY A 15 -0.71 -9.38 4.91
CA GLY A 15 0.00 -10.40 4.18
C GLY A 15 1.02 -11.17 4.98
N ALA A 16 1.43 -10.67 6.14
CA ALA A 16 2.34 -11.41 7.00
C ALA A 16 1.61 -12.58 7.66
N SER A 17 2.36 -13.40 8.38
CA SER A 17 1.76 -14.42 9.23
C SER A 17 2.31 -14.24 10.65
N VAL A 18 1.63 -14.87 11.61
CA VAL A 18 2.05 -14.85 13.01
C VAL A 18 1.78 -16.22 13.61
N LYS A 19 2.49 -16.51 14.71
CA LYS A 19 2.31 -17.76 15.43
C LYS A 19 2.20 -17.40 16.91
N LEU A 20 0.99 -17.45 17.46
CA LEU A 20 0.76 -17.15 18.87
C LEU A 20 1.03 -18.39 19.71
N ALA A 21 1.46 -18.16 20.96
CA ALA A 21 1.82 -19.25 21.83
C ALA A 21 1.12 -19.08 23.17
N CYS A 22 0.96 -20.22 23.85
CA CYS A 22 0.38 -20.25 25.18
C CYS A 22 1.07 -21.35 25.96
N THR A 23 1.72 -21.00 27.06
CA THR A 23 2.41 -21.98 27.87
C THR A 23 1.59 -22.29 29.10
N ALA A 24 1.16 -23.54 29.23
CA ALA A 24 0.40 -23.97 30.37
C ALA A 24 1.32 -24.27 31.55
N SER A 25 0.75 -24.20 32.74
CA SER A 25 1.47 -24.62 33.93
C SER A 25 0.45 -25.09 34.94
N GLY A 26 0.92 -25.87 35.92
CA GLY A 26 0.03 -26.49 36.87
C GLY A 26 -0.74 -27.68 36.36
N PHE A 27 -0.54 -28.09 35.11
CA PHE A 27 -1.20 -29.25 34.51
C PHE A 27 -0.52 -29.52 33.18
N ASN A 28 -0.81 -30.68 32.61
CA ASN A 28 -0.22 -31.10 31.34
C ASN A 28 -1.28 -30.99 30.24
N ILE A 29 -0.98 -30.23 29.19
CA ILE A 29 -1.93 -30.10 28.09
C ILE A 29 -2.21 -31.43 27.42
N LYS A 30 -1.33 -32.43 27.60
CA LYS A 30 -1.63 -33.76 27.11
C LYS A 30 -2.91 -34.32 27.72
N ASP A 31 -3.33 -33.81 28.87
CA ASP A 31 -4.48 -34.34 29.60
C ASP A 31 -5.78 -33.58 29.31
N THR A 32 -5.81 -32.74 28.28
CA THR A 32 -7.02 -31.96 28.02
C THR A 32 -7.14 -31.71 26.53
N TYR A 33 -8.09 -30.87 26.16
CA TYR A 33 -8.19 -30.30 24.83
C TYR A 33 -7.88 -28.82 24.93
N ILE A 34 -7.10 -28.29 24.00
CA ILE A 34 -6.75 -26.89 23.96
C ILE A 34 -7.43 -26.24 22.77
N HIS A 35 -8.18 -25.18 23.02
CA HIS A 35 -8.97 -24.50 21.99
C HIS A 35 -8.47 -23.08 21.81
N TRP A 36 -8.81 -22.49 20.68
CA TRP A 36 -8.52 -21.10 20.45
C TRP A 36 -9.81 -20.38 20.06
N VAL A 37 -10.00 -19.18 20.62
CA VAL A 37 -11.23 -18.42 20.45
C VAL A 37 -10.86 -17.00 20.05
N LYS A 38 -11.46 -16.51 18.97
CA LYS A 38 -11.21 -15.16 18.47
C LYS A 38 -12.25 -14.20 19.01
N GLN A 39 -11.81 -13.05 19.51
CA GLN A 39 -12.74 -11.99 19.86
C GLN A 39 -12.41 -10.77 19.02
N GLY A 40 -13.23 -10.52 18.00
CA GLY A 40 -13.04 -9.38 17.15
C GLY A 40 -14.20 -8.43 17.25
N PRO A 41 -14.01 -7.17 16.86
CA PRO A 41 -15.13 -6.23 16.85
C PRO A 41 -16.26 -6.64 15.90
N GLU A 42 -15.94 -7.37 14.82
CA GLU A 42 -16.92 -7.60 13.77
C GLU A 42 -17.85 -8.77 14.08
N GLN A 43 -17.32 -9.86 14.65
CA GLN A 43 -18.12 -11.06 14.84
C GLN A 43 -18.22 -11.53 16.29
N GLY A 44 -17.57 -10.87 17.24
CA GLY A 44 -17.68 -11.29 18.63
C GLY A 44 -16.80 -12.51 18.90
N LEU A 45 -17.23 -13.34 19.86
CA LEU A 45 -16.49 -14.56 20.20
C LEU A 45 -16.76 -15.64 19.16
N GLU A 46 -15.69 -16.14 18.55
CA GLU A 46 -15.80 -17.23 17.59
C GLU A 46 -14.77 -18.28 17.92
N TRP A 47 -15.23 -19.50 18.13
CA TRP A 47 -14.34 -20.66 18.28
C TRP A 47 -13.63 -20.91 16.96
N ILE A 48 -12.29 -20.97 17.02
CA ILE A 48 -11.48 -21.21 15.83
C ILE A 48 -11.29 -22.70 15.58
N GLY A 49 -10.99 -23.44 16.63
CA GLY A 49 -10.61 -24.83 16.51
C GLY A 49 -9.90 -25.28 17.77
N ARG A 50 -9.47 -26.54 17.75
CA ARG A 50 -8.84 -27.10 18.92
C ARG A 50 -7.86 -28.19 18.51
N ILE A 51 -7.09 -28.63 19.50
CA ILE A 51 -6.17 -29.75 19.33
C ILE A 51 -6.27 -30.61 20.57
N ASP A 52 -6.19 -31.92 20.37
CA ASP A 52 -5.95 -32.89 21.42
C ASP A 52 -4.43 -33.07 21.46
N PRO A 53 -3.71 -32.48 22.42
CA PRO A 53 -2.24 -32.55 22.36
C PRO A 53 -1.70 -33.97 22.50
N ALA A 54 -2.47 -34.90 23.05
CA ALA A 54 -1.99 -36.27 23.19
C ALA A 54 -1.69 -36.89 21.83
N ASN A 55 -2.52 -36.61 20.82
CA ASN A 55 -2.31 -37.20 19.51
C ASN A 55 -2.21 -36.18 18.38
N GLY A 56 -2.29 -34.88 18.69
CA GLY A 56 -2.24 -33.86 17.66
C GLY A 56 -3.46 -33.74 16.78
N ASN A 57 -4.56 -34.42 17.12
CA ASN A 57 -5.77 -34.34 16.30
C ASN A 57 -6.44 -32.99 16.50
N THR A 58 -6.76 -32.34 15.38
CA THR A 58 -7.32 -31.01 15.37
C THR A 58 -8.71 -31.04 14.76
N LYS A 59 -9.53 -30.08 15.16
CA LYS A 59 -10.78 -29.79 14.49
C LYS A 59 -10.91 -28.28 14.38
N TYR A 60 -11.62 -27.82 13.35
CA TYR A 60 -11.73 -26.39 13.07
C TYR A 60 -13.15 -26.07 12.66
N ASP A 61 -13.57 -24.83 12.95
CA ASP A 61 -14.70 -24.24 12.24
C ASP A 61 -14.27 -24.01 10.80
N SER A 62 -15.10 -24.45 9.85
CA SER A 62 -14.72 -24.36 8.43
C SER A 62 -14.40 -22.93 8.01
N LYS A 63 -15.01 -21.94 8.66
CA LYS A 63 -14.72 -20.54 8.39
C LYS A 63 -13.25 -20.17 8.55
N PHE A 64 -12.52 -20.92 9.37
CA PHE A 64 -11.10 -20.64 9.64
C PHE A 64 -10.15 -21.68 9.05
N GLN A 65 -10.64 -22.63 8.26
CA GLN A 65 -9.81 -23.77 7.90
C GLN A 65 -8.63 -23.37 7.02
N ASP A 66 -8.75 -22.29 6.25
CA ASP A 66 -7.64 -21.79 5.45
C ASP A 66 -6.82 -20.73 6.18
N LYS A 67 -7.33 -20.20 7.29
CA LYS A 67 -6.67 -19.13 8.03
C LYS A 67 -5.81 -19.66 9.18
N ALA A 68 -6.28 -20.68 9.89
CA ALA A 68 -5.74 -21.08 11.19
C ALA A 68 -5.13 -22.47 11.14
N THR A 69 -3.99 -22.62 11.82
CA THR A 69 -3.39 -23.93 12.05
C THR A 69 -2.98 -24.00 13.51
N ILE A 70 -3.52 -24.99 14.22
CA ILE A 70 -3.27 -25.16 15.65
C ILE A 70 -2.31 -26.34 15.83
N THR A 71 -1.25 -26.14 16.63
CA THR A 71 -0.32 -27.21 16.96
C THR A 71 -0.07 -27.18 18.46
N ALA A 72 0.63 -28.21 18.94
CA ALA A 72 0.96 -28.26 20.36
C ALA A 72 2.25 -29.04 20.52
N ASP A 73 2.94 -28.76 21.61
CA ASP A 73 4.15 -29.47 21.99
C ASP A 73 4.01 -29.88 23.44
N THR A 74 3.88 -31.18 23.68
CA THR A 74 3.66 -31.67 25.04
C THR A 74 4.87 -31.47 25.93
N SER A 75 6.07 -31.57 25.37
CA SER A 75 7.28 -31.43 26.19
C SER A 75 7.35 -30.07 26.87
N SER A 76 7.18 -29.02 26.07
CA SER A 76 7.18 -27.65 26.57
C SER A 76 5.82 -27.20 27.09
N ASN A 77 4.79 -28.05 26.98
CA ASN A 77 3.46 -27.74 27.50
C ASN A 77 2.91 -26.48 26.87
N THR A 78 3.15 -26.32 25.58
CA THR A 78 2.81 -25.09 24.87
C THR A 78 1.96 -25.41 23.66
N ALA A 79 0.95 -24.58 23.42
CA ALA A 79 0.08 -24.71 22.26
C ALA A 79 0.23 -23.47 21.41
N TYR A 80 -0.06 -23.61 20.11
CA TYR A 80 0.21 -22.57 19.13
C TYR A 80 -0.98 -22.38 18.21
N LEU A 81 -1.13 -21.15 17.75
CA LEU A 81 -2.10 -20.76 16.74
C LEU A 81 -1.35 -20.01 15.64
N HIS A 82 -1.24 -20.63 14.47
CA HIS A 82 -0.61 -20.00 13.32
C HIS A 82 -1.70 -19.39 12.44
N LEU A 83 -1.56 -18.10 12.15
CA LEU A 83 -2.50 -17.38 11.29
C LEU A 83 -1.79 -16.91 10.03
N SER A 84 -2.36 -17.25 8.87
CA SER A 84 -1.69 -17.00 7.61
C SER A 84 -2.27 -15.79 6.88
N SER A 85 -1.43 -15.21 6.00
CA SER A 85 -1.76 -14.09 5.13
C SER A 85 -2.75 -13.13 5.76
N LEU A 86 -2.29 -12.38 6.77
CA LEU A 86 -3.19 -11.61 7.63
C LEU A 86 -3.78 -10.41 6.89
N THR A 87 -5.00 -10.06 7.30
CA THR A 87 -5.69 -8.86 6.83
C THR A 87 -6.25 -8.10 8.02
N SER A 88 -6.81 -6.92 7.74
CA SER A 88 -7.51 -6.15 8.75
C SER A 88 -8.57 -6.96 9.47
N GLU A 89 -9.17 -7.94 8.79
CA GLU A 89 -10.21 -8.78 9.39
C GLU A 89 -9.67 -9.67 10.50
N ASP A 90 -8.36 -9.88 10.54
CA ASP A 90 -7.74 -10.74 11.54
C ASP A 90 -7.33 -9.98 12.80
N THR A 91 -7.50 -8.67 12.80
CA THR A 91 -7.24 -7.87 14.00
C THR A 91 -8.25 -8.22 15.07
N ALA A 92 -7.78 -8.75 16.20
CA ALA A 92 -8.65 -9.32 17.21
C ALA A 92 -7.80 -9.66 18.42
N VAL A 93 -8.48 -10.10 19.47
CA VAL A 93 -7.84 -10.77 20.61
C VAL A 93 -8.05 -12.26 20.45
N TYR A 94 -6.99 -13.03 20.63
CA TYR A 94 -7.04 -14.47 20.50
C TYR A 94 -6.85 -15.11 21.87
N TYR A 95 -7.84 -15.88 22.31
CA TYR A 95 -7.82 -16.55 23.59
C TYR A 95 -7.41 -18.00 23.40
N CYS A 96 -6.50 -18.47 24.24
CA CYS A 96 -6.23 -19.90 24.37
C CYS A 96 -6.99 -20.41 25.58
N VAL A 97 -7.71 -21.53 25.42
CA VAL A 97 -8.59 -22.02 26.47
C VAL A 97 -8.50 -23.54 26.56
N ARG A 98 -8.83 -24.06 27.73
CA ARG A 98 -8.82 -25.51 27.89
C ARG A 98 -10.22 -26.01 28.21
N GLY A 99 -10.44 -27.26 27.85
CA GLY A 99 -11.69 -27.93 28.18
C GLY A 99 -11.45 -29.42 28.12
N ASP A 100 -11.59 -30.12 29.25
CA ASP A 100 -11.25 -31.54 29.24
C ASP A 100 -12.34 -32.39 28.59
N TYR A 101 -13.55 -31.86 28.36
CA TYR A 101 -14.56 -32.55 27.57
C TYR A 101 -14.76 -31.89 26.21
N ASP A 102 -13.64 -31.56 25.55
CA ASP A 102 -13.64 -30.87 24.24
C ASP A 102 -14.38 -29.55 24.42
N TYR A 103 -15.44 -29.26 23.66
CA TYR A 103 -16.08 -27.96 23.71
C TYR A 103 -17.38 -27.97 24.53
N VAL A 104 -17.63 -29.01 25.32
CA VAL A 104 -18.80 -28.98 26.21
C VAL A 104 -18.76 -27.74 27.08
N TYR A 105 -17.57 -27.33 27.54
CA TYR A 105 -17.38 -26.09 28.30
C TYR A 105 -15.90 -25.75 28.26
N PHE A 106 -15.59 -24.48 28.51
CA PHE A 106 -14.21 -24.00 28.51
C PHE A 106 -13.88 -23.52 29.91
N ASP A 107 -13.23 -24.37 30.71
CA ASP A 107 -13.17 -24.11 32.13
C ASP A 107 -12.03 -23.18 32.53
N TYR A 108 -11.05 -22.94 31.66
CA TYR A 108 -10.01 -21.97 31.99
C TYR A 108 -9.53 -21.29 30.72
N TRP A 109 -9.28 -19.98 30.83
CA TRP A 109 -8.94 -19.10 29.72
C TRP A 109 -7.64 -18.36 30.00
N GLY A 110 -6.78 -18.25 28.99
CA GLY A 110 -5.69 -17.31 29.03
C GLY A 110 -6.21 -15.88 28.99
N GLN A 111 -5.26 -14.93 29.08
CA GLN A 111 -5.65 -13.52 29.13
C GLN A 111 -5.90 -12.91 27.76
N GLY A 112 -5.56 -13.62 26.67
CA GLY A 112 -5.81 -13.12 25.33
C GLY A 112 -4.65 -12.38 24.73
N THR A 113 -4.26 -12.75 23.50
CA THR A 113 -3.18 -12.09 22.77
C THR A 113 -3.78 -11.18 21.71
N THR A 114 -3.46 -9.89 21.78
CA THR A 114 -3.91 -8.96 20.75
C THR A 114 -3.07 -9.12 19.48
N VAL A 115 -3.75 -9.17 18.34
CA VAL A 115 -3.09 -9.12 17.04
C VAL A 115 -3.63 -7.90 16.32
N THR A 116 -2.74 -7.01 15.90
CA THR A 116 -3.10 -5.82 15.16
C THR A 116 -2.45 -5.89 13.79
N VAL A 117 -3.27 -5.90 12.75
CA VAL A 117 -2.79 -5.93 11.37
C VAL A 117 -2.90 -4.50 10.84
N SER A 118 -1.74 -3.89 10.59
CA SER A 118 -1.66 -2.49 10.18
C SER A 118 -1.87 -2.29 8.69
N ASP A 135 -25.30 -25.00 11.72
CA ASP A 135 -24.62 -24.13 12.69
C ASP A 135 -25.61 -23.39 13.57
N ILE A 136 -25.45 -23.51 14.89
CA ILE A 136 -26.44 -23.01 15.84
C ILE A 136 -26.16 -21.55 16.12
N GLN A 137 -27.17 -20.70 15.89
CA GLN A 137 -27.02 -19.28 16.16
C GLN A 137 -27.52 -18.99 17.57
N MET A 138 -26.65 -18.37 18.38
CA MET A 138 -26.97 -17.97 19.73
C MET A 138 -27.20 -16.46 19.76
N THR A 139 -28.33 -16.05 20.33
CA THR A 139 -28.64 -14.64 20.47
C THR A 139 -28.92 -14.36 21.94
N GLN A 140 -28.41 -13.24 22.44
CA GLN A 140 -28.58 -12.84 23.83
C GLN A 140 -29.40 -11.57 23.92
N SER A 141 -30.12 -11.44 25.02
CA SER A 141 -30.91 -10.26 25.29
C SER A 141 -30.92 -10.04 26.79
N PRO A 142 -30.80 -8.79 27.26
CA PRO A 142 -30.54 -7.60 26.45
C PRO A 142 -29.10 -7.58 25.96
N SER A 143 -28.74 -6.64 25.08
CA SER A 143 -27.33 -6.54 24.71
C SER A 143 -26.54 -5.73 25.73
N SER A 144 -27.20 -4.85 26.47
CA SER A 144 -26.55 -4.13 27.56
C SER A 144 -27.61 -3.69 28.54
N LEU A 145 -27.18 -3.48 29.78
CA LEU A 145 -28.09 -3.01 30.81
C LEU A 145 -27.26 -2.34 31.89
N SER A 146 -27.91 -1.43 32.62
CA SER A 146 -27.32 -0.77 33.77
C SER A 146 -28.21 -1.04 34.96
N ALA A 147 -27.61 -1.43 36.09
CA ALA A 147 -28.37 -1.81 37.28
C ALA A 147 -27.66 -1.21 38.49
N SER A 148 -28.27 -1.40 39.66
CA SER A 148 -27.75 -0.88 40.91
C SER A 148 -27.30 -2.01 41.82
N LEU A 149 -26.42 -1.66 42.77
CA LEU A 149 -26.00 -2.60 43.80
C LEU A 149 -27.20 -3.21 44.51
N GLY A 150 -27.17 -4.53 44.70
CA GLY A 150 -28.27 -5.25 45.30
C GLY A 150 -29.44 -5.56 44.38
N ASP A 151 -29.43 -5.06 43.15
CA ASP A 151 -30.49 -5.35 42.18
C ASP A 151 -30.48 -6.83 41.80
N ARG A 152 -31.54 -7.24 41.09
CA ARG A 152 -31.60 -8.54 40.44
C ARG A 152 -31.73 -8.31 38.93
N VAL A 153 -30.91 -9.00 38.15
CA VAL A 153 -30.99 -8.88 36.70
C VAL A 153 -31.09 -10.27 36.09
N THR A 154 -31.81 -10.35 34.99
CA THR A 154 -31.93 -11.59 34.23
C THR A 154 -31.51 -11.34 32.79
N ILE A 155 -30.61 -12.16 32.30
CA ILE A 155 -30.12 -12.11 30.93
C ILE A 155 -30.59 -13.38 30.26
N SER A 156 -31.06 -13.28 29.02
CA SER A 156 -31.55 -14.47 28.37
C SER A 156 -30.77 -14.73 27.09
N CYS A 157 -30.91 -15.95 26.59
CA CYS A 157 -30.38 -16.27 25.29
C CYS A 157 -31.33 -17.25 24.62
N ARG A 158 -31.22 -17.28 23.30
CA ARG A 158 -32.03 -18.16 22.48
C ARG A 158 -31.11 -18.84 21.50
N ALA A 159 -31.19 -20.16 21.42
CA ALA A 159 -30.50 -20.94 20.42
C ALA A 159 -31.41 -21.20 19.23
N SER A 160 -30.83 -21.23 18.03
CA SER A 160 -31.65 -21.42 16.83
C SER A 160 -32.25 -22.82 16.76
N GLN A 161 -31.71 -23.77 17.50
CA GLN A 161 -32.34 -25.08 17.61
C GLN A 161 -32.10 -25.61 19.01
N ASP A 162 -32.77 -26.70 19.32
CA ASP A 162 -32.73 -27.29 20.66
C ASP A 162 -31.32 -27.77 20.99
N ILE A 163 -30.78 -27.31 22.13
CA ILE A 163 -29.42 -27.68 22.53
C ILE A 163 -29.41 -28.52 23.81
N SER A 164 -30.56 -29.03 24.24
CA SER A 164 -30.65 -30.06 25.29
C SER A 164 -29.85 -29.71 26.55
N ASN A 165 -29.97 -28.45 26.98
CA ASN A 165 -29.39 -27.93 28.21
C ASN A 165 -27.87 -27.79 28.18
N PHE A 166 -27.24 -28.03 27.03
CA PHE A 166 -25.78 -27.89 26.93
C PHE A 166 -25.44 -26.43 26.66
N LEU A 167 -25.63 -25.62 27.69
CA LEU A 167 -25.53 -24.17 27.61
C LEU A 167 -24.66 -23.67 28.76
N ASP A 168 -23.64 -22.88 28.43
CA ASP A 168 -22.68 -22.35 29.41
C ASP A 168 -22.74 -20.83 29.42
N TRP A 169 -22.34 -20.23 30.55
CA TRP A 169 -22.22 -18.79 30.68
C TRP A 169 -20.80 -18.43 31.10
N TYR A 170 -20.25 -17.41 30.43
CA TYR A 170 -18.91 -16.88 30.71
C TYR A 170 -19.00 -15.41 31.11
N GLN A 171 -18.11 -15.01 32.02
CA GLN A 171 -18.01 -13.64 32.49
C GLN A 171 -16.66 -13.08 32.07
N GLN A 172 -16.67 -12.01 31.30
CA GLN A 172 -15.47 -11.35 30.83
C GLN A 172 -15.34 -10.02 31.53
N LYS A 173 -14.30 -9.89 32.34
CA LYS A 173 -14.12 -8.67 33.10
C LYS A 173 -13.54 -7.58 32.21
N PRO A 174 -13.65 -6.31 32.64
CA PRO A 174 -13.08 -5.23 31.83
C PRO A 174 -11.59 -5.40 31.54
N ASP A 175 -10.83 -6.05 32.41
CA ASP A 175 -9.40 -6.24 32.15
C ASP A 175 -9.10 -7.35 31.15
N GLY A 176 -10.12 -8.01 30.59
CA GLY A 176 -9.92 -9.06 29.63
C GLY A 176 -10.01 -10.47 30.19
N THR A 177 -10.01 -10.62 31.51
CA THR A 177 -10.13 -11.93 32.11
C THR A 177 -11.49 -12.54 31.78
N VAL A 178 -11.48 -13.78 31.30
CA VAL A 178 -12.71 -14.54 31.06
C VAL A 178 -12.74 -15.74 31.98
N LYS A 179 -13.89 -15.97 32.62
CA LYS A 179 -14.11 -17.12 33.48
C LYS A 179 -15.40 -17.84 33.14
N LEU A 180 -15.38 -19.16 33.30
CA LEU A 180 -16.60 -19.93 33.27
C LEU A 180 -17.42 -19.63 34.52
N LEU A 181 -18.70 -19.28 34.32
CA LEU A 181 -19.61 -19.06 35.43
C LEU A 181 -20.48 -20.28 35.68
N ILE A 182 -21.21 -20.70 34.65
CA ILE A 182 -22.19 -21.78 34.77
C ILE A 182 -22.05 -22.65 33.53
N TYR A 183 -22.24 -23.96 33.71
CA TYR A 183 -22.25 -24.89 32.60
C TYR A 183 -23.42 -25.85 32.74
N TYR A 184 -23.80 -26.47 31.63
CA TYR A 184 -24.96 -27.35 31.57
C TYR A 184 -26.18 -26.67 32.19
N THR A 185 -26.42 -25.43 31.75
CA THR A 185 -27.61 -24.62 32.06
C THR A 185 -27.56 -24.03 33.47
N SER A 186 -27.20 -24.85 34.46
CA SER A 186 -27.47 -24.48 35.85
C SER A 186 -26.39 -24.89 36.84
N ARG A 187 -25.31 -25.51 36.39
CA ARG A 187 -24.24 -25.96 37.28
C ARG A 187 -23.22 -24.85 37.49
N LEU A 188 -22.94 -24.51 38.74
CA LEU A 188 -22.00 -23.44 39.04
C LEU A 188 -20.57 -23.97 39.00
N HIS A 189 -19.71 -23.27 38.27
CA HIS A 189 -18.28 -23.56 38.31
C HIS A 189 -17.75 -23.31 39.71
N SER A 190 -16.62 -23.96 40.02
CA SER A 190 -16.05 -23.84 41.36
C SER A 190 -15.71 -22.39 41.66
N GLY A 191 -16.09 -21.93 42.85
CA GLY A 191 -15.81 -20.58 43.28
C GLY A 191 -16.83 -19.54 42.85
N VAL A 192 -17.88 -19.94 42.14
CA VAL A 192 -18.88 -18.98 41.70
C VAL A 192 -19.93 -18.82 42.80
N PRO A 193 -20.21 -17.60 43.25
CA PRO A 193 -21.13 -17.41 44.37
C PRO A 193 -22.56 -17.80 44.04
N SER A 194 -23.32 -17.96 45.12
CA SER A 194 -24.70 -18.43 45.04
C SER A 194 -25.60 -17.47 44.28
N ARG A 195 -25.21 -16.19 44.19
CA ARG A 195 -26.05 -15.18 43.56
C ARG A 195 -26.29 -15.46 42.08
N PHE A 196 -25.40 -16.22 41.44
CA PHE A 196 -25.55 -16.59 40.04
C PHE A 196 -26.35 -17.88 39.94
N SER A 197 -27.38 -17.88 39.10
CA SER A 197 -28.11 -19.11 38.81
C SER A 197 -28.53 -19.10 37.36
N GLY A 198 -28.69 -20.30 36.80
CA GLY A 198 -29.07 -20.46 35.41
C GLY A 198 -30.31 -21.34 35.30
N SER A 199 -31.06 -21.14 34.22
CA SER A 199 -32.33 -21.82 34.03
C SER A 199 -32.61 -21.92 32.53
N GLY A 200 -33.58 -22.75 32.17
CA GLY A 200 -34.02 -22.89 30.81
C GLY A 200 -33.97 -24.33 30.32
N SER A 201 -34.41 -24.51 29.08
CA SER A 201 -34.41 -25.80 28.39
C SER A 201 -34.79 -25.52 26.94
N GLY A 202 -34.61 -26.54 26.10
CA GLY A 202 -34.90 -26.40 24.69
C GLY A 202 -34.03 -25.37 23.99
N THR A 203 -34.65 -24.28 23.55
CA THR A 203 -33.94 -23.19 22.87
C THR A 203 -33.71 -21.96 23.76
N ASP A 204 -34.38 -21.86 24.91
CA ASP A 204 -34.45 -20.62 25.68
C ASP A 204 -33.82 -20.80 27.06
N TYR A 205 -32.82 -19.98 27.37
CA TYR A 205 -32.07 -20.10 28.61
C TYR A 205 -31.88 -18.73 29.25
N SER A 206 -31.62 -18.73 30.55
CA SER A 206 -31.45 -17.46 31.23
C SER A 206 -30.41 -17.58 32.33
N LEU A 207 -29.76 -16.46 32.61
CA LEU A 207 -28.83 -16.31 33.72
C LEU A 207 -29.36 -15.21 34.63
N THR A 208 -29.44 -15.50 35.92
CA THR A 208 -29.96 -14.53 36.89
C THR A 208 -28.88 -14.22 37.91
N ILE A 209 -28.67 -12.94 38.17
CA ILE A 209 -27.82 -12.48 39.28
C ILE A 209 -28.76 -11.83 40.29
N SER A 210 -28.84 -12.43 41.48
CA SER A 210 -29.93 -12.11 42.40
C SER A 210 -29.68 -10.83 43.20
N LYS A 211 -28.43 -10.60 43.62
CA LYS A 211 -28.07 -9.43 44.43
C LYS A 211 -26.74 -8.90 43.89
N LEU A 212 -26.82 -7.93 42.99
CA LEU A 212 -25.67 -7.48 42.24
C LEU A 212 -24.63 -6.82 43.16
N GLU A 213 -23.36 -7.18 42.94
CA GLU A 213 -22.24 -6.57 43.63
C GLU A 213 -21.39 -5.79 42.63
N GLN A 214 -20.55 -4.88 43.14
CA GLN A 214 -19.80 -4.00 42.27
C GLN A 214 -18.85 -4.78 41.37
N GLU A 215 -18.40 -5.94 41.82
CA GLU A 215 -17.48 -6.81 41.07
C GLU A 215 -18.14 -7.49 39.89
N ASP A 216 -19.45 -7.38 39.75
CA ASP A 216 -20.17 -8.07 38.69
C ASP A 216 -20.19 -7.30 37.37
N ILE A 217 -19.62 -6.09 37.35
CA ILE A 217 -19.45 -5.36 36.09
C ILE A 217 -18.65 -6.23 35.14
N ALA A 218 -19.25 -6.57 33.99
CA ALA A 218 -18.62 -7.53 33.08
C ALA A 218 -19.49 -7.63 31.84
N THR A 219 -18.96 -8.31 30.83
CA THR A 219 -19.77 -8.77 29.70
C THR A 219 -20.01 -10.27 29.87
N TYR A 220 -21.27 -10.68 29.76
CA TYR A 220 -21.68 -12.07 29.95
C TYR A 220 -21.98 -12.68 28.58
N PHE A 221 -21.39 -13.84 28.32
CA PHE A 221 -21.56 -14.56 27.06
C PHE A 221 -22.13 -15.94 27.33
N CYS A 222 -23.07 -16.38 26.48
CA CYS A 222 -23.52 -17.76 26.48
C CYS A 222 -22.81 -18.55 25.39
N GLN A 223 -22.81 -19.86 25.56
CA GLN A 223 -22.21 -20.75 24.56
C GLN A 223 -22.99 -22.06 24.54
N GLN A 224 -23.28 -22.58 23.34
CA GLN A 224 -23.80 -23.94 23.27
C GLN A 224 -22.62 -24.88 23.02
N GLY A 225 -22.65 -26.04 23.70
CA GLY A 225 -21.54 -26.96 23.65
C GLY A 225 -21.96 -28.35 23.18
N ASN A 226 -23.12 -28.38 22.50
CA ASN A 226 -23.88 -29.55 22.09
C ASN A 226 -23.58 -29.99 20.66
N THR A 227 -23.25 -29.04 19.79
CA THR A 227 -23.41 -29.22 18.35
C THR A 227 -22.22 -28.61 17.65
N PHE A 228 -21.50 -29.42 16.92
CA PHE A 228 -20.30 -28.94 16.26
C PHE A 228 -20.67 -27.94 15.15
N PRO A 229 -20.03 -26.76 15.09
CA PRO A 229 -19.03 -26.28 16.05
C PRO A 229 -19.66 -25.50 17.19
N PRO A 230 -19.01 -25.49 18.36
CA PRO A 230 -19.51 -24.64 19.45
C PRO A 230 -19.60 -23.19 19.01
N THR A 231 -20.68 -22.51 19.43
CA THR A 231 -20.93 -21.14 19.03
C THR A 231 -21.33 -20.32 20.25
N PHE A 232 -21.01 -19.02 20.22
CA PHE A 232 -21.25 -18.11 21.32
C PHE A 232 -22.34 -17.10 20.96
N GLY A 233 -23.02 -16.59 22.00
CA GLY A 233 -23.87 -15.42 21.83
C GLY A 233 -23.06 -14.15 21.71
N GLY A 234 -23.76 -13.04 21.45
CA GLY A 234 -23.06 -11.80 21.17
C GLY A 234 -22.64 -10.99 22.38
N GLY A 235 -23.00 -11.43 23.57
CA GLY A 235 -22.60 -10.76 24.78
C GLY A 235 -23.65 -9.80 25.31
N THR A 236 -23.70 -9.69 26.63
CA THR A 236 -24.51 -8.71 27.33
C THR A 236 -23.60 -7.91 28.26
N LYS A 237 -23.46 -6.61 28.01
CA LYS A 237 -22.59 -5.79 28.84
C LYS A 237 -23.39 -5.26 30.03
N LEU A 238 -22.95 -5.59 31.23
CA LEU A 238 -23.61 -5.17 32.46
C LEU A 238 -22.80 -4.05 33.10
N GLU A 239 -23.46 -2.92 33.35
CA GLU A 239 -22.85 -1.79 34.05
C GLU A 239 -23.60 -1.53 35.34
N ILE A 240 -22.92 -0.88 36.29
CA ILE A 240 -23.52 -0.49 37.57
C ILE A 240 -23.46 1.02 37.71
N LYS A 241 -24.59 1.63 38.06
CA LYS A 241 -24.66 3.08 38.19
C LYS A 241 -25.25 3.52 39.53
N GLN B 1 -6.88 16.14 -33.51
CA GLN B 1 -6.10 16.07 -32.28
C GLN B 1 -6.48 17.22 -31.33
N VAL B 2 -6.34 16.98 -30.04
CA VAL B 2 -6.69 17.98 -29.04
C VAL B 2 -5.53 18.97 -28.90
N GLN B 3 -5.85 20.27 -28.89
CA GLN B 3 -4.82 21.28 -28.65
C GLN B 3 -5.41 22.42 -27.83
N LEU B 4 -4.57 22.97 -26.96
CA LEU B 4 -4.88 24.14 -26.16
C LEU B 4 -3.82 25.19 -26.48
N GLN B 5 -4.21 26.25 -27.20
CA GLN B 5 -3.25 27.24 -27.70
C GLN B 5 -3.34 28.50 -26.86
N GLN B 6 -2.35 28.71 -25.99
CA GLN B 6 -2.38 29.84 -25.06
C GLN B 6 -1.79 31.11 -25.69
N SER B 7 -2.31 32.26 -25.25
CA SER B 7 -1.74 33.54 -25.66
C SER B 7 -0.29 33.65 -25.21
N GLY B 8 0.43 34.62 -25.78
CA GLY B 8 1.86 34.73 -25.58
C GLY B 8 2.28 35.43 -24.29
N ALA B 9 3.60 35.55 -24.16
CA ALA B 9 4.21 36.03 -22.92
C ALA B 9 3.76 37.44 -22.57
N GLU B 10 3.60 37.70 -21.28
CA GLU B 10 3.12 38.97 -20.77
C GLU B 10 4.17 39.57 -19.84
N VAL B 11 4.47 40.85 -20.03
CA VAL B 11 5.30 41.64 -19.12
C VAL B 11 4.41 42.75 -18.59
N VAL B 12 4.15 42.74 -17.28
CA VAL B 12 3.17 43.63 -16.70
C VAL B 12 3.75 44.30 -15.46
N LYS B 13 3.23 45.49 -15.16
CA LYS B 13 3.75 46.25 -14.03
C LYS B 13 3.08 45.81 -12.73
N PRO B 14 3.74 45.98 -11.59
CA PRO B 14 3.08 45.71 -10.31
C PRO B 14 1.81 46.54 -10.18
N GLY B 15 0.79 45.94 -9.55
CA GLY B 15 -0.47 46.62 -9.32
C GLY B 15 -1.45 46.57 -10.47
N ALA B 16 -1.02 46.21 -11.68
CA ALA B 16 -1.93 46.07 -12.81
C ALA B 16 -2.57 44.68 -12.76
N SER B 17 -3.48 44.43 -13.70
CA SER B 17 -4.07 43.12 -13.91
C SER B 17 -3.68 42.60 -15.29
N VAL B 18 -4.00 41.34 -15.54
CA VAL B 18 -3.75 40.73 -16.84
C VAL B 18 -4.76 39.62 -17.05
N LYS B 19 -5.10 39.37 -18.32
CA LYS B 19 -6.05 38.33 -18.68
C LYS B 19 -5.41 37.43 -19.74
N LEU B 20 -5.16 36.18 -19.38
CA LEU B 20 -4.57 35.20 -20.29
C LEU B 20 -5.68 34.44 -21.00
N ALA B 21 -5.41 34.03 -22.24
CA ALA B 21 -6.40 33.33 -23.05
C ALA B 21 -5.86 31.98 -23.49
N CYS B 22 -6.78 31.02 -23.65
CA CYS B 22 -6.45 29.71 -24.21
C CYS B 22 -7.52 29.34 -25.22
N THR B 23 -7.10 29.15 -26.47
CA THR B 23 -8.01 28.78 -27.55
C THR B 23 -7.92 27.26 -27.77
N ALA B 24 -9.02 26.58 -27.51
CA ALA B 24 -9.07 25.13 -27.65
C ALA B 24 -9.48 24.73 -29.06
N SER B 25 -8.96 23.60 -29.51
CA SER B 25 -9.35 23.02 -30.79
C SER B 25 -9.38 21.50 -30.66
N GLY B 26 -10.22 20.87 -31.49
CA GLY B 26 -10.29 19.42 -31.49
C GLY B 26 -11.28 18.86 -30.51
N PHE B 27 -11.93 19.72 -29.73
CA PHE B 27 -12.92 19.32 -28.75
C PHE B 27 -13.70 20.57 -28.37
N ASN B 28 -14.78 20.38 -27.64
CA ASN B 28 -15.60 21.48 -27.14
C ASN B 28 -15.33 21.64 -25.66
N ILE B 29 -14.87 22.83 -25.24
CA ILE B 29 -14.64 23.03 -23.81
C ILE B 29 -15.93 22.87 -23.02
N LYS B 30 -17.08 23.07 -23.67
CA LYS B 30 -18.37 22.82 -23.03
C LYS B 30 -18.47 21.40 -22.46
N ASP B 31 -17.71 20.46 -23.01
CA ASP B 31 -17.83 19.05 -22.69
C ASP B 31 -16.83 18.59 -21.62
N THR B 32 -16.09 19.50 -20.98
CA THR B 32 -15.03 19.06 -20.08
C THR B 32 -14.91 20.06 -18.93
N TYR B 33 -13.88 19.90 -18.10
CA TYR B 33 -13.48 20.92 -17.14
C TYR B 33 -12.19 21.57 -17.61
N ILE B 34 -12.07 22.88 -17.46
CA ILE B 34 -10.84 23.60 -17.84
C ILE B 34 -10.20 24.16 -16.58
N HIS B 35 -8.93 23.84 -16.38
CA HIS B 35 -8.19 24.19 -15.17
C HIS B 35 -7.05 25.12 -15.53
N TRP B 36 -6.59 25.91 -14.56
CA TRP B 36 -5.37 26.67 -14.71
C TRP B 36 -4.39 26.25 -13.62
N VAL B 37 -3.12 26.15 -14.00
CA VAL B 37 -2.05 25.66 -13.13
C VAL B 37 -0.90 26.66 -13.18
N LYS B 38 -0.36 27.04 -12.02
CA LYS B 38 0.76 27.96 -11.93
C LYS B 38 2.06 27.18 -11.77
N GLN B 39 3.09 27.55 -12.53
CA GLN B 39 4.43 27.00 -12.32
C GLN B 39 5.32 28.18 -11.95
N GLY B 40 5.42 28.44 -10.65
CA GLY B 40 6.18 29.56 -10.17
C GLY B 40 7.55 29.14 -9.69
N PRO B 41 8.43 30.12 -9.47
CA PRO B 41 9.80 29.79 -9.08
C PRO B 41 9.96 29.48 -7.61
N GLU B 42 8.98 29.82 -6.77
CA GLU B 42 9.08 29.63 -5.33
C GLU B 42 8.70 28.21 -4.88
N GLN B 43 7.65 27.63 -5.48
CA GLN B 43 7.22 26.29 -5.09
C GLN B 43 6.55 25.54 -6.24
N GLY B 44 6.92 25.85 -7.48
CA GLY B 44 6.56 24.98 -8.60
C GLY B 44 5.07 24.97 -8.89
N LEU B 45 4.54 23.75 -9.15
CA LEU B 45 3.23 23.58 -9.74
C LEU B 45 2.12 23.67 -8.71
N GLU B 46 1.18 24.58 -8.93
CA GLU B 46 0.07 24.81 -8.03
C GLU B 46 -1.20 24.92 -8.86
N TRP B 47 -2.19 24.09 -8.54
CA TRP B 47 -3.51 24.25 -9.14
C TRP B 47 -4.15 25.54 -8.65
N ILE B 48 -4.57 26.38 -9.59
CA ILE B 48 -5.26 27.63 -9.26
C ILE B 48 -6.75 27.39 -9.06
N GLY B 49 -7.37 26.71 -10.01
CA GLY B 49 -8.81 26.53 -10.00
C GLY B 49 -9.26 26.05 -11.36
N ARG B 50 -10.57 26.07 -11.55
CA ARG B 50 -11.13 25.49 -12.77
C ARG B 50 -12.54 26.02 -13.01
N ILE B 51 -13.02 25.78 -14.22
CA ILE B 51 -14.37 26.15 -14.61
C ILE B 51 -14.98 24.98 -15.36
N ASP B 52 -16.27 24.76 -15.13
CA ASP B 52 -17.09 23.91 -15.98
C ASP B 52 -17.76 24.84 -17.00
N PRO B 53 -17.28 24.89 -18.25
CA PRO B 53 -17.84 25.88 -19.18
C PRO B 53 -19.29 25.64 -19.54
N ALA B 54 -19.86 24.48 -19.24
CA ALA B 54 -21.25 24.24 -19.59
C ALA B 54 -22.19 25.07 -18.73
N ASN B 55 -21.82 25.32 -17.46
CA ASN B 55 -22.64 26.14 -16.59
C ASN B 55 -21.91 27.31 -15.96
N GLY B 56 -20.61 27.46 -16.18
CA GLY B 56 -19.86 28.56 -15.59
C GLY B 56 -19.40 28.34 -14.18
N ASN B 57 -19.66 27.18 -13.59
CA ASN B 57 -19.31 26.94 -12.19
C ASN B 57 -17.80 26.81 -12.02
N THR B 58 -17.27 27.51 -11.03
CA THR B 58 -15.83 27.54 -10.79
C THR B 58 -15.52 27.01 -9.40
N LYS B 59 -14.28 26.52 -9.26
CA LYS B 59 -13.69 26.19 -7.97
C LYS B 59 -12.29 26.75 -7.94
N TYR B 60 -11.82 27.11 -6.76
CA TYR B 60 -10.48 27.67 -6.63
C TYR B 60 -9.83 27.10 -5.37
N ASP B 61 -8.50 26.98 -5.42
CA ASP B 61 -7.75 26.89 -4.19
C ASP B 61 -7.91 28.18 -3.42
N SER B 62 -8.20 28.09 -2.12
CA SER B 62 -8.45 29.26 -1.29
C SER B 62 -7.33 30.30 -1.41
N LYS B 63 -6.11 29.84 -1.66
CA LYS B 63 -4.96 30.71 -1.80
C LYS B 63 -5.11 31.69 -2.97
N PHE B 64 -5.84 31.29 -4.01
CA PHE B 64 -5.97 32.12 -5.20
C PHE B 64 -7.35 32.74 -5.33
N GLN B 65 -8.23 32.55 -4.35
CA GLN B 65 -9.64 32.94 -4.50
C GLN B 65 -9.78 34.43 -4.79
N ASP B 66 -8.93 35.28 -4.19
CA ASP B 66 -9.01 36.71 -4.40
C ASP B 66 -8.14 37.19 -5.56
N LYS B 67 -7.13 36.42 -5.95
CA LYS B 67 -6.22 36.79 -7.02
C LYS B 67 -6.76 36.46 -8.41
N ALA B 68 -7.38 35.28 -8.57
CA ALA B 68 -7.62 34.73 -9.90
C ALA B 68 -9.11 34.61 -10.18
N THR B 69 -9.48 34.89 -11.44
CA THR B 69 -10.84 34.67 -11.93
C THR B 69 -10.77 33.94 -13.25
N ILE B 70 -11.39 32.76 -13.32
CA ILE B 70 -11.39 31.92 -14.50
C ILE B 70 -12.77 32.04 -15.15
N THR B 71 -12.78 32.34 -16.45
CA THR B 71 -14.01 32.43 -17.21
C THR B 71 -13.85 31.60 -18.47
N ALA B 72 -14.95 31.45 -19.23
CA ALA B 72 -14.90 30.67 -20.45
C ALA B 72 -16.05 31.08 -21.36
N ASP B 73 -15.83 30.90 -22.66
CA ASP B 73 -16.80 31.24 -23.69
C ASP B 73 -16.92 30.04 -24.61
N THR B 74 -18.03 29.30 -24.52
CA THR B 74 -18.14 28.10 -25.33
C THR B 74 -18.21 28.43 -26.82
N SER B 75 -18.77 29.59 -27.17
CA SER B 75 -18.94 29.91 -28.59
C SER B 75 -17.59 30.07 -29.29
N SER B 76 -16.66 30.80 -28.68
CA SER B 76 -15.31 30.91 -29.24
C SER B 76 -14.42 29.75 -28.81
N ASN B 77 -14.89 28.86 -27.94
CA ASN B 77 -14.10 27.73 -27.46
C ASN B 77 -12.82 28.20 -26.77
N THR B 78 -12.94 29.26 -25.96
CA THR B 78 -11.79 29.90 -25.33
C THR B 78 -12.01 30.01 -23.83
N ALA B 79 -10.95 29.72 -23.05
CA ALA B 79 -10.95 29.88 -21.60
C ALA B 79 -9.99 31.00 -21.21
N TYR B 80 -10.22 31.64 -20.06
CA TYR B 80 -9.42 32.78 -19.66
C TYR B 80 -9.07 32.70 -18.19
N LEU B 81 -7.90 33.26 -17.85
CA LEU B 81 -7.44 33.43 -16.47
C LEU B 81 -7.15 34.90 -16.27
N HIS B 82 -7.92 35.56 -15.40
CA HIS B 82 -7.68 36.94 -15.04
C HIS B 82 -6.98 36.98 -13.68
N LEU B 83 -5.89 37.74 -13.58
CA LEU B 83 -5.15 37.91 -12.35
C LEU B 83 -5.15 39.40 -11.99
N SER B 84 -5.54 39.71 -10.76
CA SER B 84 -5.66 41.10 -10.34
C SER B 84 -4.47 41.53 -9.49
N SER B 85 -4.31 42.86 -9.35
CA SER B 85 -3.29 43.49 -8.52
C SER B 85 -1.99 42.70 -8.45
N LEU B 86 -1.26 42.64 -9.57
CA LEU B 86 -0.12 41.74 -9.66
C LEU B 86 1.03 42.17 -8.76
N THR B 87 1.73 41.19 -8.20
CA THR B 87 2.93 41.39 -7.43
C THR B 87 4.01 40.49 -8.01
N SER B 88 5.23 40.60 -7.46
CA SER B 88 6.31 39.75 -7.94
C SER B 88 6.05 38.27 -7.66
N GLU B 89 5.19 37.96 -6.69
CA GLU B 89 4.84 36.56 -6.41
C GLU B 89 4.01 35.95 -7.54
N ASP B 90 3.43 36.76 -8.41
CA ASP B 90 2.64 36.25 -9.52
C ASP B 90 3.47 35.94 -10.75
N THR B 91 4.75 36.31 -10.75
CA THR B 91 5.64 35.92 -11.83
C THR B 91 5.73 34.40 -11.90
N ALA B 92 5.38 33.83 -13.05
CA ALA B 92 5.28 32.37 -13.20
C ALA B 92 4.90 32.05 -14.64
N VAL B 93 4.96 30.76 -14.97
CA VAL B 93 4.37 30.23 -16.21
C VAL B 93 3.02 29.65 -15.85
N TYR B 94 1.97 30.05 -16.57
CA TYR B 94 0.62 29.62 -16.29
C TYR B 94 0.16 28.67 -17.38
N TYR B 95 -0.40 27.53 -16.98
CA TYR B 95 -0.86 26.52 -17.92
C TYR B 95 -2.37 26.41 -17.88
N CYS B 96 -2.98 26.31 -19.05
CA CYS B 96 -4.38 25.91 -19.18
C CYS B 96 -4.43 24.44 -19.53
N VAL B 97 -5.23 23.66 -18.79
CA VAL B 97 -5.27 22.23 -18.97
C VAL B 97 -6.72 21.76 -18.93
N ARG B 98 -6.97 20.61 -19.56
CA ARG B 98 -8.32 20.05 -19.50
C ARG B 98 -8.30 18.72 -18.77
N GLY B 99 -9.44 18.39 -18.17
CA GLY B 99 -9.62 17.13 -17.50
C GLY B 99 -11.09 16.78 -17.47
N ASP B 100 -11.45 15.62 -18.02
CA ASP B 100 -12.86 15.23 -18.14
C ASP B 100 -13.47 14.90 -16.78
N TYR B 101 -12.68 14.39 -15.85
CA TYR B 101 -13.22 14.10 -14.53
C TYR B 101 -12.70 15.10 -13.50
N ASP B 102 -12.89 16.39 -13.78
CA ASP B 102 -12.45 17.49 -12.90
C ASP B 102 -10.95 17.33 -12.73
N TYR B 103 -10.42 17.22 -11.50
CA TYR B 103 -8.97 17.22 -11.31
C TYR B 103 -8.38 15.84 -11.07
N VAL B 104 -9.13 14.77 -11.39
CA VAL B 104 -8.59 13.42 -11.22
C VAL B 104 -7.32 13.26 -12.03
N TYR B 105 -7.30 13.77 -13.26
CA TYR B 105 -6.11 13.83 -14.10
C TYR B 105 -6.27 14.97 -15.10
N PHE B 106 -5.16 15.48 -15.60
CA PHE B 106 -5.18 16.54 -16.61
C PHE B 106 -4.60 15.93 -17.89
N ASP B 107 -5.45 15.54 -18.84
CA ASP B 107 -4.92 14.72 -19.93
C ASP B 107 -4.36 15.52 -21.09
N TYR B 108 -4.68 16.80 -21.22
CA TYR B 108 -4.04 17.63 -22.26
C TYR B 108 -3.72 19.00 -21.70
N TRP B 109 -2.55 19.50 -22.04
CA TRP B 109 -1.99 20.73 -21.49
C TRP B 109 -1.74 21.76 -22.59
N GLY B 110 -2.09 23.01 -22.30
CA GLY B 110 -1.60 24.12 -23.11
C GLY B 110 -0.08 24.20 -23.03
N GLN B 111 0.49 25.06 -23.89
CA GLN B 111 1.94 25.14 -23.97
C GLN B 111 2.55 26.07 -22.91
N GLY B 112 1.73 26.73 -22.10
CA GLY B 112 2.22 27.63 -21.08
C GLY B 112 2.29 29.08 -21.52
N THR B 113 1.99 30.00 -20.60
CA THR B 113 2.13 31.44 -20.83
C THR B 113 3.01 32.00 -19.72
N THR B 114 4.15 32.58 -20.09
CA THR B 114 5.02 33.24 -19.12
C THR B 114 4.46 34.61 -18.75
N VAL B 115 4.34 34.88 -17.46
CA VAL B 115 3.96 36.19 -16.95
C VAL B 115 5.12 36.71 -16.10
N THR B 116 5.62 37.90 -16.45
CA THR B 116 6.71 38.55 -15.73
C THR B 116 6.19 39.88 -15.18
N VAL B 117 6.27 40.05 -13.88
CA VAL B 117 5.87 41.30 -13.23
C VAL B 117 7.13 42.14 -13.02
N SER B 118 7.15 43.34 -13.60
CA SER B 118 8.35 44.18 -13.62
C SER B 118 8.62 44.86 -12.28
N SER B 134 -3.70 21.12 6.02
CA SER B 134 -4.85 20.36 5.51
C SER B 134 -4.62 19.87 4.07
N ASP B 135 -3.99 20.70 3.24
CA ASP B 135 -3.67 20.28 1.88
C ASP B 135 -2.71 19.09 1.91
N ILE B 136 -2.88 18.19 0.95
CA ILE B 136 -1.99 17.03 0.83
C ILE B 136 -0.66 17.50 0.25
N GLN B 137 0.43 17.23 0.96
CA GLN B 137 1.75 17.59 0.48
C GLN B 137 2.34 16.40 -0.26
N MET B 138 2.75 16.62 -1.51
CA MET B 138 3.42 15.63 -2.35
C MET B 138 4.89 15.98 -2.42
N THR B 139 5.75 14.99 -2.22
CA THR B 139 7.19 15.22 -2.29
C THR B 139 7.82 14.12 -3.13
N GLN B 140 8.84 14.48 -3.88
CA GLN B 140 9.45 13.56 -4.82
C GLN B 140 10.92 13.38 -4.50
N SER B 141 11.48 12.25 -4.95
CA SER B 141 12.90 11.96 -4.80
C SER B 141 13.32 11.00 -5.90
N PRO B 142 14.53 11.16 -6.47
CA PRO B 142 15.47 12.24 -6.15
C PRO B 142 15.03 13.59 -6.73
N SER B 143 15.79 14.66 -6.48
CA SER B 143 15.53 15.93 -7.16
C SER B 143 15.93 15.87 -8.62
N SER B 144 17.01 15.16 -8.92
CA SER B 144 17.49 15.01 -10.28
C SER B 144 18.35 13.76 -10.36
N LEU B 145 18.52 13.25 -11.56
CA LEU B 145 19.37 12.09 -11.80
C LEU B 145 19.80 12.07 -13.26
N SER B 146 20.97 11.48 -13.51
CA SER B 146 21.46 11.28 -14.86
C SER B 146 21.73 9.80 -15.07
N ALA B 147 21.35 9.29 -16.23
CA ALA B 147 21.51 7.88 -16.56
C ALA B 147 21.88 7.77 -18.03
N SER B 148 22.08 6.55 -18.48
CA SER B 148 22.50 6.29 -19.85
C SER B 148 21.35 5.74 -20.67
N LEU B 149 21.47 5.88 -21.99
CA LEU B 149 20.52 5.26 -22.91
C LEU B 149 20.43 3.77 -22.62
N GLY B 150 19.20 3.24 -22.66
CA GLY B 150 18.95 1.85 -22.36
C GLY B 150 18.87 1.52 -20.89
N ASP B 151 19.28 2.42 -20.00
CA ASP B 151 19.18 2.20 -18.55
C ASP B 151 17.72 2.14 -18.11
N ARG B 152 17.52 1.61 -16.91
CA ARG B 152 16.23 1.65 -16.23
C ARG B 152 16.36 2.50 -14.98
N VAL B 153 15.43 3.45 -14.79
CA VAL B 153 15.46 4.29 -13.60
C VAL B 153 14.09 4.32 -12.96
N THR B 154 14.08 4.54 -11.65
CA THR B 154 12.84 4.65 -10.88
C THR B 154 12.90 5.92 -10.06
N ILE B 155 11.84 6.72 -10.14
CA ILE B 155 11.70 7.90 -9.29
C ILE B 155 10.46 7.68 -8.42
N SER B 156 10.43 8.38 -7.29
CA SER B 156 9.47 8.07 -6.23
C SER B 156 8.77 9.33 -5.78
N CYS B 157 7.62 9.13 -5.13
CA CYS B 157 6.95 10.24 -4.48
C CYS B 157 6.21 9.73 -3.26
N ARG B 158 5.96 10.66 -2.33
CA ARG B 158 5.24 10.38 -1.10
C ARG B 158 4.15 11.41 -0.93
N ALA B 159 2.97 10.95 -0.54
CA ALA B 159 1.87 11.82 -0.14
C ALA B 159 1.83 11.88 1.38
N SER B 160 1.50 13.06 1.91
CA SER B 160 1.39 13.23 3.35
C SER B 160 0.21 12.47 3.97
N GLN B 161 -0.67 11.91 3.15
CA GLN B 161 -1.73 11.03 3.63
C GLN B 161 -2.14 10.12 2.48
N ASP B 162 -2.90 9.08 2.82
CA ASP B 162 -3.28 8.06 1.86
C ASP B 162 -4.13 8.66 0.74
N ILE B 163 -3.75 8.39 -0.52
CA ILE B 163 -4.46 8.94 -1.66
C ILE B 163 -5.09 7.85 -2.54
N SER B 164 -5.13 6.61 -2.05
CA SER B 164 -5.96 5.55 -2.63
C SER B 164 -5.72 5.37 -4.13
N ASN B 165 -4.45 5.50 -4.54
CA ASN B 165 -3.96 5.24 -5.89
C ASN B 165 -4.33 6.33 -6.89
N PHE B 166 -4.93 7.43 -6.45
CA PHE B 166 -5.25 8.54 -7.36
C PHE B 166 -4.01 9.41 -7.53
N LEU B 167 -3.04 8.84 -8.25
CA LEU B 167 -1.71 9.43 -8.41
C LEU B 167 -1.37 9.45 -9.90
N ASP B 168 -1.05 10.64 -10.43
CA ASP B 168 -0.73 10.81 -11.85
C ASP B 168 0.71 11.28 -12.01
N TRP B 169 1.31 10.95 -13.16
CA TRP B 169 2.67 11.36 -13.52
C TRP B 169 2.61 12.18 -14.80
N TYR B 170 3.27 13.35 -14.77
CA TYR B 170 3.39 14.24 -15.92
C TYR B 170 4.85 14.42 -16.31
N GLN B 171 5.05 14.66 -17.60
CA GLN B 171 6.37 14.85 -18.19
C GLN B 171 6.43 16.23 -18.80
N GLN B 172 7.34 17.07 -18.31
CA GLN B 172 7.55 18.41 -18.85
C GLN B 172 8.86 18.43 -19.63
N LYS B 173 8.75 18.63 -20.95
CA LYS B 173 9.91 18.70 -21.80
C LYS B 173 10.63 20.04 -21.62
N PRO B 174 11.90 20.13 -22.06
CA PRO B 174 12.64 21.40 -21.90
C PRO B 174 11.97 22.60 -22.56
N ASP B 175 11.22 22.42 -23.64
CA ASP B 175 10.52 23.55 -24.25
C ASP B 175 9.29 23.99 -23.46
N GLY B 176 9.01 23.37 -22.31
CA GLY B 176 7.88 23.76 -21.49
C GLY B 176 6.60 23.01 -21.73
N THR B 177 6.54 22.15 -22.74
CA THR B 177 5.33 21.41 -23.00
C THR B 177 5.19 20.27 -22.00
N VAL B 178 3.94 19.96 -21.64
CA VAL B 178 3.64 18.96 -20.62
C VAL B 178 2.73 17.90 -21.23
N LYS B 179 2.97 16.64 -20.87
CA LYS B 179 2.08 15.55 -21.26
C LYS B 179 1.76 14.68 -20.05
N LEU B 180 0.53 14.18 -20.00
CA LEU B 180 0.18 13.12 -19.07
C LEU B 180 0.83 11.81 -19.53
N LEU B 181 1.58 11.18 -18.63
CA LEU B 181 2.13 9.86 -18.89
C LEU B 181 1.28 8.74 -18.29
N ILE B 182 1.00 8.82 -16.99
CA ILE B 182 0.38 7.75 -16.23
C ILE B 182 -0.66 8.37 -15.30
N TYR B 183 -1.81 7.73 -15.18
CA TYR B 183 -2.82 8.18 -14.24
C TYR B 183 -3.30 6.98 -13.45
N TYR B 184 -3.90 7.27 -12.30
CA TYR B 184 -4.40 6.23 -11.38
C TYR B 184 -3.31 5.19 -11.12
N THR B 185 -2.13 5.70 -10.74
CA THR B 185 -0.94 4.94 -10.36
C THR B 185 -0.26 4.23 -11.52
N SER B 186 -1.01 3.51 -12.35
CA SER B 186 -0.40 2.59 -13.29
C SER B 186 -1.00 2.57 -14.70
N ARG B 187 -1.97 3.43 -15.00
CA ARG B 187 -2.61 3.41 -16.32
C ARG B 187 -1.88 4.34 -17.28
N LEU B 188 -1.58 3.85 -18.47
CA LEU B 188 -0.82 4.62 -19.46
C LEU B 188 -1.74 5.49 -20.29
N HIS B 189 -1.38 6.76 -20.44
CA HIS B 189 -2.15 7.65 -21.30
C HIS B 189 -1.95 7.23 -22.76
N SER B 190 -2.89 7.67 -23.60
CA SER B 190 -2.83 7.42 -25.04
C SER B 190 -1.46 7.77 -25.57
N GLY B 191 -0.88 6.84 -26.34
CA GLY B 191 0.37 7.09 -27.04
C GLY B 191 1.63 7.01 -26.21
N VAL B 192 1.53 6.68 -24.93
CA VAL B 192 2.72 6.57 -24.08
C VAL B 192 3.33 5.19 -24.26
N PRO B 193 4.63 5.10 -24.57
CA PRO B 193 5.24 3.78 -24.81
C PRO B 193 5.26 2.93 -23.56
N SER B 194 5.28 1.61 -23.76
CA SER B 194 5.11 0.66 -22.66
C SER B 194 6.34 0.56 -21.77
N ARG B 195 7.44 1.24 -22.12
CA ARG B 195 8.56 1.27 -21.21
C ARG B 195 8.30 2.13 -19.97
N PHE B 196 7.23 2.93 -19.97
CA PHE B 196 6.81 3.65 -18.78
C PHE B 196 5.89 2.78 -17.94
N SER B 197 6.15 2.71 -16.64
CA SER B 197 5.35 1.92 -15.71
C SER B 197 5.18 2.66 -14.40
N GLY B 198 4.04 2.46 -13.77
CA GLY B 198 3.80 3.07 -12.47
C GLY B 198 3.38 2.02 -11.46
N SER B 199 3.73 2.29 -10.20
CA SER B 199 3.44 1.38 -9.10
C SER B 199 3.21 2.16 -7.83
N GLY B 200 2.70 1.48 -6.80
CA GLY B 200 2.55 2.06 -5.50
C GLY B 200 1.14 1.89 -4.95
N SER B 201 0.98 2.35 -3.71
CA SER B 201 -0.31 2.36 -3.01
C SER B 201 -0.16 3.14 -1.72
N GLY B 202 -1.30 3.52 -1.14
CA GLY B 202 -1.27 4.28 0.10
C GLY B 202 -0.65 5.65 -0.09
N THR B 203 0.50 5.88 0.55
CA THR B 203 1.22 7.15 0.45
C THR B 203 2.44 7.09 -0.45
N ASP B 204 2.83 5.92 -0.95
CA ASP B 204 4.12 5.71 -1.61
C ASP B 204 3.94 5.20 -3.04
N TYR B 205 4.45 5.95 -4.01
CA TYR B 205 4.30 5.61 -5.42
C TYR B 205 5.64 5.79 -6.13
N SER B 206 5.75 5.19 -7.31
CA SER B 206 6.97 5.28 -8.09
C SER B 206 6.66 5.18 -9.58
N LEU B 207 7.54 5.79 -10.37
CA LEU B 207 7.50 5.74 -11.83
C LEU B 207 8.78 5.08 -12.30
N THR B 208 8.68 4.13 -13.21
CA THR B 208 9.84 3.39 -13.71
C THR B 208 9.91 3.57 -15.22
N ILE B 209 11.08 3.99 -15.71
CA ILE B 209 11.32 4.14 -17.13
C ILE B 209 12.40 3.13 -17.49
N SER B 210 12.03 2.11 -18.26
CA SER B 210 12.99 1.11 -18.70
C SER B 210 13.49 1.48 -20.09
N LYS B 211 14.70 1.01 -20.41
CA LYS B 211 15.35 1.33 -21.67
C LYS B 211 15.19 2.81 -22.03
N LEU B 212 15.90 3.68 -21.31
CA LEU B 212 15.79 5.11 -21.54
C LEU B 212 16.14 5.47 -22.97
N GLU B 213 15.41 6.44 -23.52
CA GLU B 213 15.71 7.03 -24.82
C GLU B 213 16.01 8.52 -24.65
N GLN B 214 16.66 9.10 -25.66
CA GLN B 214 17.04 10.51 -25.59
C GLN B 214 15.84 11.42 -25.39
N GLU B 215 14.69 11.06 -25.96
CA GLU B 215 13.50 11.89 -25.80
C GLU B 215 12.95 11.90 -24.38
N ASP B 216 13.53 11.12 -23.46
CA ASP B 216 13.01 11.04 -22.09
C ASP B 216 13.56 12.12 -21.18
N ILE B 217 14.49 12.95 -21.67
CA ILE B 217 15.00 14.08 -20.89
C ILE B 217 13.84 15.03 -20.61
N ALA B 218 13.54 15.24 -19.33
CA ALA B 218 12.35 15.98 -18.94
C ALA B 218 12.33 16.08 -17.43
N THR B 219 11.47 16.95 -16.91
CA THR B 219 11.14 16.98 -15.50
C THR B 219 9.84 16.20 -15.31
N TYR B 220 9.83 15.31 -14.33
CA TYR B 220 8.69 14.42 -14.08
C TYR B 220 7.99 14.84 -12.81
N PHE B 221 6.68 15.07 -12.89
CA PHE B 221 5.90 15.62 -11.80
C PHE B 221 4.80 14.64 -11.42
N CYS B 222 4.61 14.41 -10.12
CA CYS B 222 3.48 13.64 -9.63
C CYS B 222 2.37 14.58 -9.19
N GLN B 223 1.16 14.03 -9.06
CA GLN B 223 -0.01 14.81 -8.67
C GLN B 223 -1.03 13.87 -8.05
N GLN B 224 -1.57 14.24 -6.89
CA GLN B 224 -2.69 13.49 -6.33
C GLN B 224 -3.99 14.10 -6.85
N GLY B 225 -4.96 13.24 -7.15
CA GLY B 225 -6.18 13.71 -7.76
C GLY B 225 -7.47 13.31 -7.06
N ASN B 226 -7.43 12.92 -5.78
CA ASN B 226 -8.69 12.58 -5.15
C ASN B 226 -9.04 13.44 -3.94
N THR B 227 -8.23 14.42 -3.57
CA THR B 227 -8.48 15.25 -2.39
C THR B 227 -8.42 16.72 -2.77
N PHE B 228 -9.50 17.46 -2.49
CA PHE B 228 -9.52 18.88 -2.84
C PHE B 228 -8.60 19.65 -1.90
N PRO B 229 -7.73 20.53 -2.41
CA PRO B 229 -7.45 20.77 -3.83
C PRO B 229 -6.41 19.78 -4.36
N PRO B 230 -6.40 19.52 -5.67
CA PRO B 230 -5.33 18.70 -6.24
C PRO B 230 -3.99 19.37 -6.00
N THR B 231 -2.96 18.56 -5.73
CA THR B 231 -1.63 19.08 -5.41
C THR B 231 -0.58 18.27 -6.15
N PHE B 232 0.55 18.94 -6.45
CA PHE B 232 1.64 18.39 -7.27
C PHE B 232 2.91 18.24 -6.44
N GLY B 233 3.76 17.29 -6.84
CA GLY B 233 5.10 17.21 -6.30
C GLY B 233 6.03 18.28 -6.88
N GLY B 234 7.24 18.37 -6.33
CA GLY B 234 8.19 19.36 -6.77
C GLY B 234 8.99 19.00 -8.02
N GLY B 235 8.85 17.78 -8.50
CA GLY B 235 9.48 17.40 -9.76
C GLY B 235 10.82 16.73 -9.57
N THR B 236 11.15 15.86 -10.53
CA THR B 236 12.44 15.17 -10.61
C THR B 236 12.95 15.38 -12.02
N LYS B 237 14.15 15.97 -12.16
CA LYS B 237 14.72 16.23 -13.48
C LYS B 237 15.54 15.03 -13.93
N LEU B 238 15.23 14.52 -15.12
CA LEU B 238 15.92 13.37 -15.69
C LEU B 238 16.85 13.84 -16.81
N GLU B 239 18.14 13.59 -16.65
CA GLU B 239 19.13 13.86 -17.68
C GLU B 239 19.70 12.55 -18.20
N ILE B 240 20.14 12.57 -19.47
CA ILE B 240 20.76 11.41 -20.09
C ILE B 240 22.22 11.76 -20.38
N LYS B 241 23.13 10.95 -19.87
CA LYS B 241 24.56 11.16 -19.98
C LYS B 241 25.09 10.53 -21.27
N GLN C 1 -26.46 -1.76 -27.04
CA GLN C 1 -26.38 -1.26 -25.67
C GLN C 1 -25.42 -2.09 -24.83
N VAL C 2 -24.95 -1.50 -23.73
CA VAL C 2 -24.20 -2.26 -22.74
C VAL C 2 -25.13 -3.21 -22.02
N GLN C 3 -24.71 -4.47 -21.89
CA GLN C 3 -25.45 -5.45 -21.12
C GLN C 3 -24.48 -6.19 -20.21
N LEU C 4 -24.98 -6.56 -19.03
CA LEU C 4 -24.29 -7.48 -18.12
C LEU C 4 -25.32 -8.51 -17.69
N GLN C 5 -25.18 -9.74 -18.19
CA GLN C 5 -26.17 -10.80 -17.97
C GLN C 5 -25.59 -11.87 -17.05
N GLN C 6 -26.16 -11.99 -15.84
CA GLN C 6 -25.61 -12.85 -14.81
C GLN C 6 -26.30 -14.22 -14.76
N SER C 7 -25.63 -15.15 -14.09
CA SER C 7 -26.22 -16.42 -13.65
C SER C 7 -27.60 -16.24 -13.07
N GLY C 8 -28.43 -17.28 -13.20
CA GLY C 8 -29.69 -17.34 -12.49
C GLY C 8 -29.48 -17.76 -11.03
N ALA C 9 -30.60 -17.86 -10.32
CA ALA C 9 -30.59 -18.13 -8.89
C ALA C 9 -29.76 -19.37 -8.56
N GLU C 10 -29.14 -19.35 -7.38
CA GLU C 10 -28.33 -20.45 -6.89
C GLU C 10 -28.79 -20.80 -5.47
N VAL C 11 -29.26 -22.04 -5.28
CA VAL C 11 -29.56 -22.59 -3.96
C VAL C 11 -28.51 -23.65 -3.68
N VAL C 12 -27.72 -23.42 -2.63
CA VAL C 12 -26.57 -24.26 -2.34
C VAL C 12 -26.58 -24.61 -0.86
N LYS C 13 -25.92 -25.73 -0.52
CA LYS C 13 -25.92 -26.23 0.85
C LYS C 13 -24.75 -25.64 1.62
N PRO C 14 -24.91 -25.40 2.93
CA PRO C 14 -23.77 -24.94 3.75
C PRO C 14 -22.54 -25.79 3.53
N GLY C 15 -21.38 -25.14 3.49
CA GLY C 15 -20.12 -25.81 3.27
C GLY C 15 -19.73 -26.02 1.82
N ALA C 16 -20.65 -25.84 0.87
CA ALA C 16 -20.32 -25.97 -0.52
C ALA C 16 -19.77 -24.66 -1.06
N SER C 17 -19.37 -24.67 -2.33
CA SER C 17 -18.92 -23.48 -3.04
C SER C 17 -19.86 -23.21 -4.22
N VAL C 18 -19.71 -22.04 -4.82
CA VAL C 18 -20.51 -21.68 -5.99
C VAL C 18 -19.71 -20.69 -6.82
N LYS C 19 -19.89 -20.75 -8.14
CA LYS C 19 -19.23 -19.84 -9.06
C LYS C 19 -20.29 -19.14 -9.91
N LEU C 20 -20.41 -17.83 -9.72
CA LEU C 20 -21.37 -17.05 -10.49
C LEU C 20 -20.69 -16.52 -11.73
N ALA C 21 -21.49 -16.30 -12.78
CA ALA C 21 -20.95 -15.83 -14.04
C ALA C 21 -21.67 -14.57 -14.48
N CYS C 22 -20.98 -13.76 -15.27
CA CYS C 22 -21.59 -12.60 -15.89
C CYS C 22 -20.99 -12.38 -17.27
N THR C 23 -21.82 -12.39 -18.30
CA THR C 23 -21.39 -12.16 -19.67
C THR C 23 -21.71 -10.73 -20.09
N ALA C 24 -20.70 -10.00 -20.54
CA ALA C 24 -20.87 -8.62 -20.96
C ALA C 24 -21.10 -8.53 -22.47
N SER C 25 -21.97 -7.60 -22.85
CA SER C 25 -22.18 -7.25 -24.25
C SER C 25 -22.10 -5.74 -24.42
N GLY C 26 -21.82 -5.31 -25.65
CA GLY C 26 -21.75 -3.90 -25.98
C GLY C 26 -20.46 -3.21 -25.62
N PHE C 27 -19.48 -3.94 -25.07
CA PHE C 27 -18.16 -3.41 -24.76
C PHE C 27 -17.27 -4.61 -24.50
N ASN C 28 -15.97 -4.37 -24.44
CA ASN C 28 -15.02 -5.43 -24.13
C ASN C 28 -14.51 -5.25 -22.71
N ILE C 29 -14.61 -6.30 -21.91
CA ILE C 29 -14.22 -6.18 -20.50
C ILE C 29 -12.74 -5.90 -20.35
N LYS C 30 -11.92 -6.23 -21.35
CA LYS C 30 -10.50 -5.86 -21.28
C LYS C 30 -10.30 -4.35 -21.18
N ASP C 31 -11.30 -3.55 -21.57
CA ASP C 31 -11.20 -2.09 -21.57
C ASP C 31 -11.73 -1.43 -20.32
N THR C 32 -12.01 -2.18 -19.26
CA THR C 32 -12.66 -1.58 -18.09
C THR C 32 -12.23 -2.36 -16.85
N TYR C 33 -12.87 -2.06 -15.74
CA TYR C 33 -12.74 -2.87 -14.54
C TYR C 33 -14.09 -3.50 -14.26
N ILE C 34 -14.09 -4.76 -13.81
CA ILE C 34 -15.31 -5.49 -13.51
C ILE C 34 -15.34 -5.77 -12.02
N HIS C 35 -16.42 -5.37 -11.37
CA HIS C 35 -16.54 -5.43 -9.92
C HIS C 35 -17.69 -6.34 -9.54
N TRP C 36 -17.67 -6.84 -8.30
CA TRP C 36 -18.83 -7.56 -7.77
C TRP C 36 -19.25 -6.90 -6.47
N VAL C 37 -20.56 -6.79 -6.28
CA VAL C 37 -21.16 -6.13 -5.12
C VAL C 37 -22.17 -7.09 -4.48
N LYS C 38 -22.14 -7.19 -3.16
CA LYS C 38 -23.06 -8.05 -2.44
C LYS C 38 -24.18 -7.21 -1.84
N GLN C 39 -25.42 -7.71 -1.93
CA GLN C 39 -26.55 -7.08 -1.25
C GLN C 39 -27.18 -8.09 -0.32
N GLY C 40 -26.84 -7.99 0.96
CA GLY C 40 -27.27 -8.95 1.94
C GLY C 40 -28.20 -8.30 2.95
N PRO C 41 -28.94 -9.13 3.68
CA PRO C 41 -29.88 -8.57 4.65
C PRO C 41 -29.18 -7.84 5.79
N GLU C 42 -28.04 -8.38 6.27
CA GLU C 42 -27.42 -7.84 7.47
C GLU C 42 -26.67 -6.55 7.21
N GLN C 43 -25.86 -6.51 6.14
CA GLN C 43 -24.94 -5.39 5.92
C GLN C 43 -25.29 -4.54 4.71
N GLY C 44 -26.37 -4.83 3.98
CA GLY C 44 -26.71 -4.01 2.84
C GLY C 44 -25.76 -4.21 1.67
N LEU C 45 -25.53 -3.12 0.92
CA LEU C 45 -24.65 -3.14 -0.25
C LEU C 45 -23.20 -3.05 0.20
N GLU C 46 -22.40 -4.05 -0.17
CA GLU C 46 -20.97 -4.08 0.12
C GLU C 46 -20.21 -4.42 -1.16
N TRP C 47 -19.23 -3.59 -1.49
CA TRP C 47 -18.30 -3.91 -2.57
C TRP C 47 -17.44 -5.10 -2.17
N ILE C 48 -17.40 -6.12 -3.01
CA ILE C 48 -16.59 -7.31 -2.74
C ILE C 48 -15.16 -7.14 -3.23
N GLY C 49 -15.00 -6.74 -4.49
CA GLY C 49 -13.70 -6.67 -5.09
C GLY C 49 -13.87 -6.46 -6.58
N ARG C 50 -12.76 -6.56 -7.29
CA ARG C 50 -12.79 -6.29 -8.72
C ARG C 50 -11.61 -6.94 -9.40
N ILE C 51 -11.68 -6.96 -10.73
CA ILE C 51 -10.60 -7.45 -11.56
C ILE C 51 -10.37 -6.46 -12.69
N ASP C 52 -9.10 -6.27 -13.06
CA ASP C 52 -8.77 -5.65 -14.33
C ASP C 52 -8.57 -6.80 -15.31
N PRO C 53 -9.49 -7.03 -16.26
CA PRO C 53 -9.37 -8.23 -17.10
C PRO C 53 -8.21 -8.17 -18.07
N ALA C 54 -7.67 -6.99 -18.35
CA ALA C 54 -6.53 -6.90 -19.26
C ALA C 54 -5.29 -7.60 -18.70
N ASN C 55 -5.12 -7.60 -17.37
CA ASN C 55 -3.96 -8.25 -16.79
C ASN C 55 -4.30 -9.23 -15.67
N GLY C 56 -5.57 -9.34 -15.28
CA GLY C 56 -5.94 -10.27 -14.23
C GLY C 56 -5.75 -9.76 -12.82
N ASN C 57 -5.26 -8.52 -12.65
CA ASN C 57 -5.02 -7.97 -11.32
C ASN C 57 -6.34 -7.75 -10.59
N THR C 58 -6.39 -8.18 -9.33
CA THR C 58 -7.59 -8.11 -8.53
C THR C 58 -7.34 -7.30 -7.26
N LYS C 59 -8.42 -6.75 -6.72
CA LYS C 59 -8.42 -6.11 -5.42
C LYS C 59 -9.68 -6.52 -4.69
N TYR C 60 -9.58 -6.68 -3.37
CA TYR C 60 -10.73 -7.10 -2.59
C TYR C 60 -10.84 -6.26 -1.33
N ASP C 61 -12.08 -6.12 -0.85
CA ASP C 61 -12.28 -5.70 0.53
C ASP C 61 -11.79 -6.82 1.43
N SER C 62 -11.02 -6.46 2.47
CA SER C 62 -10.41 -7.49 3.32
C SER C 62 -11.47 -8.41 3.93
N LYS C 63 -12.69 -7.90 4.10
CA LYS C 63 -13.77 -8.71 4.65
C LYS C 63 -14.07 -9.95 3.80
N PHE C 64 -13.72 -9.92 2.52
CA PHE C 64 -14.01 -11.01 1.58
C PHE C 64 -12.76 -11.73 1.08
N GLN C 65 -11.58 -11.44 1.64
CA GLN C 65 -10.34 -11.90 1.00
C GLN C 65 -10.22 -13.42 0.99
N ASP C 66 -10.80 -14.11 1.97
CA ASP C 66 -10.77 -15.57 1.99
C ASP C 66 -12.10 -16.20 1.60
N LYS C 67 -13.08 -15.39 1.20
CA LYS C 67 -14.36 -15.89 0.77
C LYS C 67 -14.50 -15.87 -0.75
N ALA C 68 -14.02 -14.82 -1.39
CA ALA C 68 -14.34 -14.50 -2.78
C ALA C 68 -13.10 -14.54 -3.67
N THR C 69 -13.27 -15.10 -4.87
CA THR C 69 -12.24 -15.10 -5.89
C THR C 69 -12.88 -14.67 -7.20
N ILE C 70 -12.43 -13.55 -7.74
CA ILE C 70 -12.96 -12.98 -8.97
C ILE C 70 -12.00 -13.28 -10.11
N THR C 71 -12.53 -13.80 -11.21
CA THR C 71 -11.73 -14.07 -12.40
C THR C 71 -12.45 -13.53 -13.62
N ALA C 72 -11.76 -13.55 -14.76
CA ALA C 72 -12.32 -13.02 -16.00
C ALA C 72 -11.71 -13.72 -17.20
N ASP C 73 -12.48 -13.78 -18.28
CA ASP C 73 -12.04 -14.35 -19.55
C ASP C 73 -12.36 -13.34 -20.64
N THR C 74 -11.32 -12.66 -21.15
CA THR C 74 -11.55 -11.61 -22.14
C THR C 74 -12.10 -12.19 -23.44
N SER C 75 -11.72 -13.40 -23.81
CA SER C 75 -12.17 -13.96 -25.08
C SER C 75 -13.69 -14.08 -25.13
N SER C 76 -14.29 -14.59 -24.06
CA SER C 76 -15.74 -14.74 -23.99
C SER C 76 -16.43 -13.55 -23.31
N ASN C 77 -15.67 -12.53 -22.92
CA ASN C 77 -16.24 -11.33 -22.28
C ASN C 77 -17.04 -11.70 -21.03
N THR C 78 -16.52 -12.65 -20.25
CA THR C 78 -17.24 -13.15 -19.07
C THR C 78 -16.38 -12.98 -17.81
N ALA C 79 -17.00 -12.50 -16.74
CA ALA C 79 -16.38 -12.41 -15.42
C ALA C 79 -17.05 -13.37 -14.45
N TYR C 80 -16.32 -13.77 -13.41
CA TYR C 80 -16.82 -14.78 -12.49
C TYR C 80 -16.55 -14.36 -11.06
N LEU C 81 -17.43 -14.81 -10.17
CA LEU C 81 -17.27 -14.63 -8.73
C LEU C 81 -17.39 -16.00 -8.09
N HIS C 82 -16.28 -16.51 -7.54
CA HIS C 82 -16.29 -17.79 -6.83
C HIS C 82 -16.40 -17.52 -5.34
N LEU C 83 -17.31 -18.23 -4.66
CA LEU C 83 -17.53 -18.08 -3.23
C LEU C 83 -17.27 -19.42 -2.56
N SER C 84 -16.35 -19.42 -1.58
CA SER C 84 -15.93 -20.63 -0.88
C SER C 84 -16.78 -20.89 0.36
N SER C 85 -16.77 -22.16 0.81
CA SER C 85 -17.36 -22.62 2.06
C SER C 85 -18.57 -21.82 2.53
N LEU C 86 -19.68 -21.94 1.82
CA LEU C 86 -20.80 -21.02 2.03
C LEU C 86 -21.47 -21.23 3.37
N THR C 87 -21.90 -20.13 3.99
CA THR C 87 -22.62 -20.11 5.25
C THR C 87 -23.86 -19.24 5.08
N SER C 88 -24.65 -19.14 6.16
CA SER C 88 -25.90 -18.38 6.10
C SER C 88 -25.67 -16.90 5.80
N GLU C 89 -24.52 -16.36 6.21
CA GLU C 89 -24.23 -14.94 5.98
C GLU C 89 -23.92 -14.65 4.51
N ASP C 90 -23.67 -15.68 3.70
CA ASP C 90 -23.44 -15.52 2.27
C ASP C 90 -24.74 -15.45 1.47
N THR C 91 -25.88 -15.78 2.07
CA THR C 91 -27.17 -15.58 1.42
C THR C 91 -27.36 -14.09 1.13
N ALA C 92 -27.49 -13.75 -0.16
CA ALA C 92 -27.53 -12.36 -0.61
C ALA C 92 -27.78 -12.37 -2.12
N VAL C 93 -28.03 -11.18 -2.67
CA VAL C 93 -28.03 -10.96 -4.11
C VAL C 93 -26.68 -10.37 -4.49
N TYR C 94 -26.07 -10.92 -5.53
CA TYR C 94 -24.75 -10.53 -5.97
C TYR C 94 -24.85 -9.86 -7.33
N TYR C 95 -24.23 -8.70 -7.47
CA TYR C 95 -24.27 -7.91 -8.69
C TYR C 95 -22.88 -7.82 -9.31
N CYS C 96 -22.80 -8.01 -10.62
CA CYS C 96 -21.57 -7.75 -11.35
C CYS C 96 -21.71 -6.40 -12.05
N VAL C 97 -20.71 -5.53 -11.90
CA VAL C 97 -20.86 -4.15 -12.36
C VAL C 97 -19.59 -3.70 -13.06
N ARG C 98 -19.76 -2.71 -13.95
CA ARG C 98 -18.66 -2.15 -14.72
C ARG C 98 -18.25 -0.79 -14.17
N GLY C 99 -16.96 -0.51 -14.18
CA GLY C 99 -16.51 0.82 -13.82
C GLY C 99 -15.23 1.20 -14.57
N ASP C 100 -15.30 2.21 -15.43
CA ASP C 100 -14.16 2.57 -16.27
C ASP C 100 -13.00 3.16 -15.47
N TYR C 101 -13.31 3.83 -14.36
CA TYR C 101 -12.24 4.38 -13.52
C TYR C 101 -12.24 3.67 -12.18
N ASP C 102 -12.05 2.35 -12.23
CA ASP C 102 -12.08 1.47 -11.07
C ASP C 102 -13.41 1.70 -10.34
N TYR C 103 -13.38 2.15 -9.08
CA TYR C 103 -14.61 2.24 -8.30
C TYR C 103 -15.10 3.68 -8.13
N VAL C 104 -14.62 4.62 -8.96
CA VAL C 104 -15.09 6.00 -8.88
C VAL C 104 -16.60 6.06 -9.07
N TYR C 105 -17.13 5.22 -9.96
CA TYR C 105 -18.58 5.04 -10.15
C TYR C 105 -18.77 3.73 -10.90
N PHE C 106 -19.97 3.16 -10.77
CA PHE C 106 -20.33 1.91 -11.43
C PHE C 106 -21.42 2.24 -12.45
N ASP C 107 -21.05 2.34 -13.72
CA ASP C 107 -22.03 2.93 -14.62
C ASP C 107 -23.00 1.94 -15.24
N TYR C 108 -22.74 0.64 -15.13
CA TYR C 108 -23.72 -0.35 -15.58
C TYR C 108 -23.66 -1.57 -14.67
N TRP C 109 -24.84 -2.13 -14.39
CA TRP C 109 -25.04 -3.21 -13.44
C TRP C 109 -25.71 -4.40 -14.12
N GLY C 110 -25.29 -5.61 -13.76
CA GLY C 110 -26.04 -6.79 -14.10
C GLY C 110 -27.34 -6.87 -13.33
N GLN C 111 -28.17 -7.87 -13.65
CA GLN C 111 -29.50 -7.97 -13.07
C GLN C 111 -29.49 -8.54 -11.66
N GLY C 112 -28.34 -8.98 -11.16
CA GLY C 112 -28.26 -9.58 -9.84
C GLY C 112 -28.54 -11.07 -9.88
N THR C 113 -27.86 -11.80 -8.99
CA THR C 113 -27.97 -13.25 -8.87
C THR C 113 -28.30 -13.55 -7.42
N THR C 114 -29.44 -14.19 -7.17
CA THR C 114 -29.81 -14.57 -5.80
C THR C 114 -29.11 -15.87 -5.41
N VAL C 115 -28.40 -15.83 -4.29
CA VAL C 115 -27.72 -16.99 -3.73
C VAL C 115 -28.37 -17.28 -2.37
N THR C 116 -28.88 -18.50 -2.20
CA THR C 116 -29.54 -18.91 -0.96
C THR C 116 -28.82 -20.13 -0.40
N VAL C 117 -28.30 -19.99 0.81
CA VAL C 117 -27.64 -21.08 1.50
C VAL C 117 -28.69 -21.74 2.38
N SER C 118 -29.09 -22.96 2.01
CA SER C 118 -30.10 -23.72 2.73
C SER C 118 -29.81 -23.87 4.22
N SER C 134 -11.84 2.08 9.85
CA SER C 134 -11.06 2.94 8.96
C SER C 134 -11.78 3.15 7.62
N ASP C 135 -12.85 2.39 7.38
CA ASP C 135 -13.64 2.56 6.17
C ASP C 135 -14.54 3.80 6.32
N ILE C 136 -14.85 4.42 5.18
CA ILE C 136 -15.77 5.55 5.19
C ILE C 136 -17.18 5.02 5.37
N GLN C 137 -17.89 5.53 6.37
CA GLN C 137 -19.28 5.16 6.63
C GLN C 137 -20.20 6.13 5.93
N MET C 138 -21.12 5.60 5.14
CA MET C 138 -22.13 6.40 4.43
C MET C 138 -23.47 6.14 5.08
N THR C 139 -24.14 7.18 5.53
CA THR C 139 -25.47 7.04 6.10
C THR C 139 -26.43 7.88 5.31
N GLN C 140 -27.64 7.35 5.09
CA GLN C 140 -28.62 8.03 4.27
C GLN C 140 -29.84 8.41 5.11
N SER C 141 -30.48 9.51 4.72
CA SER C 141 -31.69 9.98 5.35
C SER C 141 -32.68 10.48 4.30
N PRO C 142 -33.98 10.18 4.45
CA PRO C 142 -34.61 9.28 5.43
C PRO C 142 -34.43 7.82 5.01
N SER C 143 -34.87 6.87 5.83
CA SER C 143 -34.76 5.47 5.43
C SER C 143 -35.86 5.09 4.45
N SER C 144 -37.00 5.75 4.53
CA SER C 144 -38.09 5.49 3.59
C SER C 144 -38.97 6.72 3.52
N LEU C 145 -39.71 6.85 2.42
CA LEU C 145 -40.60 7.99 2.30
C LEU C 145 -41.66 7.69 1.25
N SER C 146 -42.82 8.34 1.40
CA SER C 146 -43.93 8.19 0.46
C SER C 146 -44.33 9.56 -0.06
N ALA C 147 -44.56 9.66 -1.35
CA ALA C 147 -44.91 10.94 -1.95
C ALA C 147 -45.87 10.70 -3.11
N SER C 148 -46.38 11.78 -3.66
CA SER C 148 -47.37 11.70 -4.73
C SER C 148 -46.75 12.02 -6.09
N LEU C 149 -47.39 11.49 -7.13
CA LEU C 149 -47.02 11.83 -8.50
C LEU C 149 -46.95 13.33 -8.68
N GLY C 150 -45.89 13.79 -9.33
CA GLY C 150 -45.70 15.21 -9.54
C GLY C 150 -45.01 15.95 -8.41
N ASP C 151 -44.87 15.33 -7.24
CA ASP C 151 -44.22 15.98 -6.12
C ASP C 151 -42.70 16.02 -6.30
N ARG C 152 -42.04 16.74 -5.41
CA ARG C 152 -40.60 16.84 -5.36
C ARG C 152 -40.13 16.27 -4.03
N VAL C 153 -39.05 15.48 -4.05
CA VAL C 153 -38.50 14.91 -2.82
C VAL C 153 -37.00 15.13 -2.80
N THR C 154 -36.45 15.26 -1.60
CA THR C 154 -35.02 15.43 -1.41
C THR C 154 -34.57 14.38 -0.41
N ILE C 155 -33.54 13.63 -0.78
CA ILE C 155 -32.96 12.67 0.15
C ILE C 155 -31.48 13.01 0.29
N SER C 156 -30.92 12.67 1.44
CA SER C 156 -29.60 13.17 1.77
C SER C 156 -28.71 12.04 2.22
N CYS C 157 -27.41 12.33 2.26
CA CYS C 157 -26.49 11.36 2.82
C CYS C 157 -25.36 12.11 3.48
N ARG C 158 -24.65 11.40 4.37
CA ARG C 158 -23.55 11.95 5.13
C ARG C 158 -22.41 10.94 5.09
N ALA C 159 -21.22 11.41 4.73
CA ALA C 159 -20.02 10.58 4.78
C ALA C 159 -19.30 10.85 6.10
N SER C 160 -18.63 9.81 6.62
CA SER C 160 -17.95 9.98 7.91
C SER C 160 -16.68 10.80 7.81
N GLN C 161 -16.21 11.09 6.60
CA GLN C 161 -15.14 12.05 6.40
C GLN C 161 -15.35 12.70 5.03
N ASP C 162 -14.59 13.78 4.79
CA ASP C 162 -14.70 14.54 3.56
C ASP C 162 -14.38 13.65 2.36
N ILE C 163 -15.28 13.60 1.38
CA ILE C 163 -15.07 12.78 0.19
C ILE C 163 -14.92 13.61 -1.08
N SER C 164 -14.75 14.93 -0.95
CA SER C 164 -14.32 15.79 -2.06
C SER C 164 -15.18 15.61 -3.31
N ASN C 165 -16.50 15.52 -3.11
CA ASN C 165 -17.53 15.44 -4.16
C ASN C 165 -17.57 14.12 -4.90
N PHE C 166 -16.78 13.12 -4.51
CA PHE C 166 -16.79 11.81 -5.16
C PHE C 166 -17.93 10.97 -4.60
N LEU C 167 -19.15 11.34 -5.00
CA LEU C 167 -20.38 10.81 -4.43
C LEU C 167 -21.31 10.47 -5.59
N ASP C 168 -21.79 9.23 -5.63
CA ASP C 168 -22.68 8.75 -6.69
C ASP C 168 -24.02 8.34 -6.10
N TRP C 169 -25.05 8.35 -6.94
CA TRP C 169 -26.40 7.92 -6.57
C TRP C 169 -26.87 6.84 -7.52
N TYR C 170 -27.40 5.74 -6.98
CA TYR C 170 -27.94 4.64 -7.76
C TYR C 170 -29.42 4.44 -7.46
N GLN C 171 -30.14 3.90 -8.45
CA GLN C 171 -31.56 3.60 -8.33
C GLN C 171 -31.75 2.10 -8.52
N GLN C 172 -32.32 1.44 -7.51
CA GLN C 172 -32.63 0.01 -7.58
C GLN C 172 -34.14 -0.18 -7.63
N LYS C 173 -34.64 -0.63 -8.76
CA LYS C 173 -36.07 -0.79 -8.93
C LYS C 173 -36.56 -2.04 -8.19
N PRO C 174 -37.88 -2.18 -8.02
CA PRO C 174 -38.41 -3.36 -7.31
C PRO C 174 -38.04 -4.67 -7.97
N ASP C 175 -37.78 -4.68 -9.28
CA ASP C 175 -37.35 -5.91 -9.92
C ASP C 175 -35.87 -6.21 -9.68
N GLY C 176 -35.20 -5.40 -8.86
CA GLY C 176 -33.80 -5.61 -8.54
C GLY C 176 -32.81 -5.06 -9.55
N THR C 177 -33.26 -4.46 -10.65
CA THR C 177 -32.31 -3.85 -11.55
C THR C 177 -31.80 -2.53 -10.97
N VAL C 178 -30.51 -2.25 -11.18
CA VAL C 178 -29.84 -1.07 -10.63
C VAL C 178 -29.31 -0.23 -11.78
N LYS C 179 -29.47 1.09 -11.68
CA LYS C 179 -28.90 2.03 -12.63
C LYS C 179 -28.16 3.16 -11.91
N LEU C 180 -27.09 3.63 -12.55
CA LEU C 180 -26.47 4.87 -12.11
C LEU C 180 -27.33 6.05 -12.50
N LEU C 181 -27.60 6.93 -11.53
CA LEU C 181 -28.29 8.19 -11.80
C LEU C 181 -27.32 9.35 -11.92
N ILE C 182 -26.49 9.55 -10.89
CA ILE C 182 -25.67 10.75 -10.75
C ILE C 182 -24.32 10.32 -10.23
N TYR C 183 -23.26 10.93 -10.76
CA TYR C 183 -21.93 10.64 -10.30
C TYR C 183 -21.19 11.96 -10.10
N TYR C 184 -20.14 11.92 -9.27
CA TYR C 184 -19.38 13.11 -8.91
C TYR C 184 -20.33 14.24 -8.47
N THR C 185 -21.21 13.89 -7.51
CA THR C 185 -22.14 14.78 -6.85
C THR C 185 -23.30 15.24 -7.73
N SER C 186 -23.02 15.67 -8.97
CA SER C 186 -24.05 16.38 -9.75
C SER C 186 -24.08 16.03 -11.23
N ARG C 187 -23.24 15.12 -11.72
CA ARG C 187 -23.22 14.80 -13.14
C ARG C 187 -24.26 13.73 -13.44
N LEU C 188 -25.09 13.98 -14.45
CA LEU C 188 -26.13 13.02 -14.81
C LEU C 188 -25.56 11.96 -15.75
N HIS C 189 -25.86 10.71 -15.45
CA HIS C 189 -25.51 9.62 -16.35
C HIS C 189 -26.35 9.70 -17.61
N SER C 190 -25.82 9.12 -18.68
CA SER C 190 -26.53 9.00 -19.96
C SER C 190 -27.94 8.49 -19.77
N GLY C 191 -28.90 9.21 -20.34
CA GLY C 191 -30.28 8.76 -20.34
C GLY C 191 -31.09 9.14 -19.13
N VAL C 192 -30.48 9.79 -18.14
CA VAL C 192 -31.18 10.13 -16.90
C VAL C 192 -31.90 11.46 -17.10
N PRO C 193 -33.19 11.55 -16.81
CA PRO C 193 -33.92 12.79 -17.06
C PRO C 193 -33.51 13.93 -16.14
N SER C 194 -33.81 15.14 -16.62
CA SER C 194 -33.39 16.38 -15.97
C SER C 194 -33.94 16.53 -14.56
N ARG C 195 -35.08 15.90 -14.27
CA ARG C 195 -35.69 16.10 -12.96
C ARG C 195 -34.89 15.49 -11.82
N PHE C 196 -33.87 14.68 -12.12
CA PHE C 196 -32.90 14.23 -11.12
C PHE C 196 -31.75 15.24 -11.04
N SER C 197 -31.38 15.62 -9.83
CA SER C 197 -30.24 16.49 -9.65
C SER C 197 -29.61 16.21 -8.30
N GLY C 198 -28.32 16.49 -8.20
CA GLY C 198 -27.60 16.25 -6.98
C GLY C 198 -26.80 17.47 -6.57
N SER C 199 -26.60 17.60 -5.28
CA SER C 199 -25.82 18.71 -4.76
C SER C 199 -25.04 18.24 -3.54
N GLY C 200 -24.17 19.10 -3.04
CA GLY C 200 -23.46 18.86 -1.82
C GLY C 200 -21.96 19.08 -1.96
N SER C 201 -21.28 18.97 -0.82
CA SER C 201 -19.83 19.08 -0.77
C SER C 201 -19.39 18.56 0.59
N GLY C 202 -18.09 18.31 0.71
CA GLY C 202 -17.53 17.86 1.99
C GLY C 202 -18.05 16.50 2.41
N THR C 203 -18.86 16.47 3.48
CA THR C 203 -19.43 15.23 3.98
C THR C 203 -20.93 15.11 3.73
N ASP C 204 -21.59 16.14 3.18
CA ASP C 204 -23.05 16.19 3.13
C ASP C 204 -23.51 16.40 1.69
N TYR C 205 -24.37 15.50 1.23
CA TYR C 205 -24.81 15.47 -0.17
C TYR C 205 -26.31 15.20 -0.21
N SER C 206 -26.93 15.58 -1.33
CA SER C 206 -28.36 15.38 -1.46
C SER C 206 -28.70 15.05 -2.91
N LEU C 207 -29.82 14.34 -3.06
CA LEU C 207 -30.42 13.99 -4.34
C LEU C 207 -31.83 14.54 -4.33
N THR C 208 -32.21 15.25 -5.38
CA THR C 208 -33.54 15.83 -5.47
C THR C 208 -34.21 15.31 -6.73
N ILE C 209 -35.38 14.71 -6.57
CA ILE C 209 -36.19 14.24 -7.68
C ILE C 209 -37.36 15.20 -7.78
N SER C 210 -37.40 15.98 -8.85
CA SER C 210 -38.51 16.87 -9.12
C SER C 210 -39.54 16.13 -9.96
N LYS C 211 -40.79 16.57 -9.86
CA LYS C 211 -41.91 15.99 -10.58
C LYS C 211 -41.84 14.45 -10.62
N LEU C 212 -42.17 13.81 -9.51
CA LEU C 212 -42.10 12.36 -9.40
C LEU C 212 -42.99 11.67 -10.42
N GLU C 213 -42.49 10.57 -10.98
CA GLU C 213 -43.25 9.73 -11.90
C GLU C 213 -43.42 8.33 -11.32
N GLN C 214 -44.34 7.58 -11.93
CA GLN C 214 -44.67 6.24 -11.43
C GLN C 214 -43.46 5.34 -11.40
N GLU C 215 -42.57 5.47 -12.39
CA GLU C 215 -41.42 4.58 -12.46
C GLU C 215 -40.32 4.94 -11.47
N ASP C 216 -40.52 5.97 -10.64
CA ASP C 216 -39.50 6.37 -9.67
C ASP C 216 -39.55 5.56 -8.39
N ILE C 217 -40.54 4.68 -8.20
CA ILE C 217 -40.55 3.78 -7.06
C ILE C 217 -39.30 2.91 -7.11
N ALA C 218 -38.48 2.99 -6.06
CA ALA C 218 -37.15 2.42 -6.10
C ALA C 218 -36.50 2.67 -4.73
N THR C 219 -35.42 1.96 -4.48
CA THR C 219 -34.52 2.27 -3.39
C THR C 219 -33.33 3.03 -3.98
N TYR C 220 -33.00 4.16 -3.37
CA TYR C 220 -31.92 5.03 -3.83
C TYR C 220 -30.75 4.87 -2.90
N PHE C 221 -29.56 4.63 -3.47
CA PHE C 221 -28.35 4.37 -2.70
C PHE C 221 -27.29 5.38 -3.09
N CYS C 222 -26.51 5.82 -2.10
CA CYS C 222 -25.35 6.63 -2.40
C CYS C 222 -24.09 5.78 -2.27
N GLN C 223 -23.00 6.27 -2.84
CA GLN C 223 -21.72 5.57 -2.77
C GLN C 223 -20.60 6.59 -2.82
N GLN C 224 -19.59 6.47 -1.94
CA GLN C 224 -18.38 7.25 -2.10
C GLN C 224 -17.38 6.49 -2.96
N GLY C 225 -16.74 7.19 -3.87
CA GLY C 225 -15.81 6.51 -4.76
C GLY C 225 -14.39 7.04 -4.78
N ASN C 226 -13.88 7.64 -3.70
CA ASN C 226 -12.51 8.11 -3.79
C ASN C 226 -11.61 7.60 -2.67
N THR C 227 -12.10 6.72 -1.80
CA THR C 227 -11.30 6.15 -0.72
C THR C 227 -11.48 4.65 -0.72
N PHE C 228 -10.37 3.92 -0.77
CA PHE C 228 -10.45 2.47 -0.75
C PHE C 228 -10.85 1.99 0.64
N PRO C 229 -11.83 1.08 0.77
CA PRO C 229 -12.66 0.54 -0.32
C PRO C 229 -13.89 1.40 -0.55
N PRO C 230 -14.46 1.37 -1.75
CA PRO C 230 -15.73 2.08 -1.99
C PRO C 230 -16.80 1.55 -1.06
N THR C 231 -17.63 2.46 -0.54
CA THR C 231 -18.66 2.10 0.41
C THR C 231 -19.99 2.75 0.03
N PHE C 232 -21.07 2.07 0.39
CA PHE C 232 -22.44 2.43 0.05
C PHE C 232 -23.23 2.87 1.29
N GLY C 233 -24.19 3.76 1.09
CA GLY C 233 -25.18 4.03 2.11
C GLY C 233 -26.17 2.88 2.26
N GLY C 234 -27.05 3.01 3.24
CA GLY C 234 -28.01 1.95 3.52
C GLY C 234 -29.28 1.96 2.70
N GLY C 235 -29.49 2.98 1.87
CA GLY C 235 -30.63 3.04 0.99
C GLY C 235 -31.77 3.87 1.54
N THR C 236 -32.51 4.51 0.63
CA THR C 236 -33.74 5.22 0.94
C THR C 236 -34.81 4.65 0.04
N LYS C 237 -35.87 4.06 0.63
CA LYS C 237 -36.96 3.47 -0.13
C LYS C 237 -38.01 4.53 -0.42
N LEU C 238 -38.31 4.74 -1.70
CA LEU C 238 -39.25 5.75 -2.15
C LEU C 238 -40.50 5.05 -2.64
N GLU C 239 -41.63 5.33 -2.03
CA GLU C 239 -42.91 4.79 -2.47
C GLU C 239 -43.77 5.94 -3.02
N ILE C 240 -44.63 5.63 -3.99
CA ILE C 240 -45.53 6.62 -4.58
C ILE C 240 -46.96 6.31 -4.15
N LYS C 241 -47.67 7.33 -3.66
CA LYS C 241 -49.07 7.21 -3.29
C LYS C 241 -49.89 8.37 -3.85
N GLN D 1 43.90 -0.72 16.52
CA GLN D 1 43.03 -0.26 15.45
C GLN D 1 43.57 -0.69 14.08
N VAL D 2 42.69 -1.25 13.25
CA VAL D 2 43.10 -1.73 11.93
C VAL D 2 43.50 -0.54 11.06
N GLN D 3 44.69 -0.62 10.47
CA GLN D 3 45.18 0.49 9.66
C GLN D 3 46.07 -0.04 8.55
N LEU D 4 45.96 0.60 7.38
CA LEU D 4 46.80 0.31 6.21
C LEU D 4 47.38 1.65 5.75
N GLN D 5 48.62 1.93 6.15
CA GLN D 5 49.27 3.22 5.90
C GLN D 5 50.13 3.12 4.64
N GLN D 6 49.73 3.83 3.58
CA GLN D 6 50.41 3.72 2.30
C GLN D 6 51.46 4.82 2.11
N SER D 7 52.42 4.52 1.23
CA SER D 7 53.46 5.49 0.91
C SER D 7 52.84 6.71 0.18
N GLY D 8 53.67 7.71 -0.05
CA GLY D 8 53.20 8.99 -0.52
C GLY D 8 53.13 9.10 -2.04
N ALA D 9 52.55 10.22 -2.48
CA ALA D 9 52.35 10.45 -3.91
C ALA D 9 53.67 10.39 -4.68
N GLU D 10 53.60 9.84 -5.89
CA GLU D 10 54.77 9.60 -6.73
C GLU D 10 54.64 10.38 -8.04
N VAL D 11 55.74 10.97 -8.48
CA VAL D 11 55.85 11.46 -9.85
C VAL D 11 57.07 10.77 -10.45
N VAL D 12 56.85 10.04 -11.53
CA VAL D 12 57.83 9.08 -12.02
C VAL D 12 57.92 9.17 -13.54
N LYS D 13 59.09 8.87 -14.07
CA LYS D 13 59.31 9.07 -15.49
C LYS D 13 58.85 7.84 -16.30
N PRO D 14 58.42 8.06 -17.54
CA PRO D 14 58.07 6.94 -18.41
C PRO D 14 59.22 5.96 -18.55
N GLY D 15 58.87 4.67 -18.58
CA GLY D 15 59.84 3.62 -18.70
C GLY D 15 60.57 3.28 -17.42
N ALA D 16 60.46 4.12 -16.39
CA ALA D 16 61.00 3.78 -15.09
C ALA D 16 60.05 2.82 -14.39
N SER D 17 60.47 2.32 -13.25
CA SER D 17 59.57 1.55 -12.39
C SER D 17 59.34 2.33 -11.10
N VAL D 18 58.37 1.87 -10.31
CA VAL D 18 58.12 2.47 -9.01
C VAL D 18 57.67 1.35 -8.08
N LYS D 19 57.99 1.49 -6.79
CA LYS D 19 57.62 0.51 -5.78
C LYS D 19 56.86 1.25 -4.69
N LEU D 20 55.59 0.91 -4.52
CA LEU D 20 54.71 1.47 -3.50
C LEU D 20 54.71 0.57 -2.28
N ALA D 21 54.48 1.17 -1.11
CA ALA D 21 54.52 0.46 0.16
C ALA D 21 53.22 0.67 0.92
N CYS D 22 52.91 -0.31 1.77
CA CYS D 22 51.76 -0.23 2.66
C CYS D 22 52.13 -0.90 3.96
N THR D 23 52.14 -0.12 5.04
CA THR D 23 52.45 -0.63 6.36
C THR D 23 51.15 -0.90 7.12
N ALA D 24 50.90 -2.15 7.45
CA ALA D 24 49.70 -2.52 8.18
C ALA D 24 49.97 -2.51 9.68
N SER D 25 48.94 -2.18 10.45
CA SER D 25 49.03 -2.26 11.89
C SER D 25 47.65 -2.60 12.44
N GLY D 26 47.62 -3.05 13.69
CA GLY D 26 46.39 -3.45 14.33
C GLY D 26 45.93 -4.85 13.99
N PHE D 27 46.67 -5.58 13.18
CA PHE D 27 46.39 -6.95 12.80
C PHE D 27 47.64 -7.50 12.13
N ASN D 28 47.64 -8.80 11.86
CA ASN D 28 48.77 -9.46 11.22
C ASN D 28 48.37 -9.84 9.81
N ILE D 29 49.16 -9.38 8.82
CA ILE D 29 48.76 -9.64 7.44
C ILE D 29 48.83 -11.12 7.10
N LYS D 30 49.54 -11.93 7.89
CA LYS D 30 49.50 -13.37 7.65
C LYS D 30 48.09 -13.93 7.84
N ASP D 31 47.19 -13.19 8.49
CA ASP D 31 45.83 -13.63 8.77
C ASP D 31 44.82 -13.14 7.75
N THR D 32 45.27 -12.65 6.60
CA THR D 32 44.32 -12.13 5.62
C THR D 32 44.93 -12.28 4.23
N TYR D 33 44.26 -11.72 3.23
CA TYR D 33 44.83 -11.51 1.90
C TYR D 33 45.01 -10.03 1.69
N ILE D 34 46.10 -9.64 1.02
CA ILE D 34 46.37 -8.24 0.75
C ILE D 34 46.25 -8.02 -0.75
N HIS D 35 45.36 -7.12 -1.13
CA HIS D 35 45.06 -6.84 -2.53
C HIS D 35 45.51 -5.42 -2.89
N TRP D 36 45.75 -5.20 -4.18
CA TRP D 36 45.95 -3.86 -4.71
C TRP D 36 44.90 -3.56 -5.76
N VAL D 37 44.34 -2.36 -5.70
CA VAL D 37 43.28 -1.90 -6.60
C VAL D 37 43.71 -0.60 -7.25
N LYS D 38 43.65 -0.53 -8.57
CA LYS D 38 43.94 0.69 -9.33
C LYS D 38 42.65 1.49 -9.53
N GLN D 39 42.74 2.80 -9.35
CA GLN D 39 41.64 3.70 -9.70
C GLN D 39 42.15 4.76 -10.67
N GLY D 40 41.87 4.57 -11.95
CA GLY D 40 42.31 5.49 -12.97
C GLY D 40 41.17 6.20 -13.65
N PRO D 41 41.45 7.35 -14.28
CA PRO D 41 40.36 8.13 -14.90
C PRO D 41 39.72 7.44 -16.10
N GLU D 42 40.38 6.48 -16.73
CA GLU D 42 39.83 5.87 -17.94
C GLU D 42 38.99 4.63 -17.64
N GLN D 43 39.46 3.72 -16.79
CA GLN D 43 38.77 2.46 -16.57
C GLN D 43 38.12 2.37 -15.18
N GLY D 44 38.29 3.38 -14.33
CA GLY D 44 37.70 3.32 -13.00
C GLY D 44 38.46 2.36 -12.11
N LEU D 45 37.72 1.66 -11.23
CA LEU D 45 38.31 0.74 -10.26
C LEU D 45 38.63 -0.59 -10.91
N GLU D 46 39.87 -1.06 -10.75
CA GLU D 46 40.32 -2.31 -11.33
C GLU D 46 41.15 -3.04 -10.29
N TRP D 47 40.75 -4.27 -9.97
CA TRP D 47 41.56 -5.13 -9.12
C TRP D 47 42.82 -5.57 -9.87
N ILE D 48 43.98 -5.32 -9.27
CA ILE D 48 45.25 -5.68 -9.90
C ILE D 48 45.64 -7.12 -9.60
N GLY D 49 45.56 -7.49 -8.33
CA GLY D 49 46.01 -8.80 -7.89
C GLY D 49 46.11 -8.81 -6.39
N ARG D 50 46.61 -9.91 -5.84
CA ARG D 50 46.70 -10.03 -4.39
C ARG D 50 47.82 -10.98 -4.01
N ILE D 51 48.13 -10.99 -2.73
CA ILE D 51 49.07 -11.94 -2.17
C ILE D 51 48.45 -12.53 -0.91
N ASP D 52 48.69 -13.83 -0.70
CA ASP D 52 48.48 -14.46 0.60
C ASP D 52 49.82 -14.34 1.33
N PRO D 53 49.95 -13.40 2.28
CA PRO D 53 51.28 -13.17 2.89
C PRO D 53 51.82 -14.38 3.64
N ALA D 54 50.96 -15.30 4.06
CA ALA D 54 51.45 -16.42 4.86
C ALA D 54 52.33 -17.35 4.05
N ASN D 55 52.09 -17.46 2.75
CA ASN D 55 52.92 -18.31 1.89
C ASN D 55 53.43 -17.58 0.66
N GLY D 56 53.09 -16.31 0.49
CA GLY D 56 53.59 -15.53 -0.62
C GLY D 56 52.92 -15.79 -1.96
N ASN D 57 51.87 -16.62 -1.98
CA ASN D 57 51.18 -16.94 -3.22
C ASN D 57 50.44 -15.73 -3.76
N THR D 58 50.57 -15.47 -5.06
CA THR D 58 49.95 -14.31 -5.69
C THR D 58 49.00 -14.74 -6.81
N LYS D 59 48.05 -13.87 -7.09
CA LYS D 59 47.20 -13.98 -8.27
C LYS D 59 47.01 -12.59 -8.85
N TYR D 60 46.84 -12.52 -10.17
CA TYR D 60 46.69 -11.24 -10.83
C TYR D 60 45.60 -11.31 -11.89
N ASP D 61 44.97 -10.18 -12.15
CA ASP D 61 44.20 -10.04 -13.38
C ASP D 61 45.17 -10.10 -14.55
N SER D 62 44.84 -10.92 -15.55
CA SER D 62 45.84 -11.20 -16.59
C SER D 62 46.30 -9.92 -17.31
N LYS D 63 45.52 -8.84 -17.27
CA LYS D 63 45.97 -7.61 -17.92
C LYS D 63 47.05 -6.88 -17.14
N PHE D 64 47.28 -7.25 -15.87
CA PHE D 64 48.37 -6.69 -15.09
C PHE D 64 49.49 -7.68 -14.85
N GLN D 65 49.40 -8.89 -15.39
CA GLN D 65 50.35 -9.95 -15.04
C GLN D 65 51.80 -9.54 -15.35
N ASP D 66 52.01 -8.82 -16.45
CA ASP D 66 53.37 -8.38 -16.80
C ASP D 66 53.75 -7.03 -16.23
N LYS D 67 52.78 -6.27 -15.72
CA LYS D 67 53.01 -4.91 -15.23
C LYS D 67 53.31 -4.86 -13.73
N ALA D 68 52.61 -5.69 -12.94
CA ALA D 68 52.56 -5.53 -11.50
C ALA D 68 53.17 -6.73 -10.81
N THR D 69 53.85 -6.47 -9.70
CA THR D 69 54.38 -7.54 -8.85
C THR D 69 54.07 -7.17 -7.42
N ILE D 70 53.35 -8.04 -6.72
CA ILE D 70 52.93 -7.81 -5.35
C ILE D 70 53.78 -8.69 -4.43
N THR D 71 54.31 -8.10 -3.37
CA THR D 71 55.13 -8.80 -2.41
C THR D 71 54.71 -8.37 -1.01
N ALA D 72 55.12 -9.16 -0.02
CA ALA D 72 54.75 -8.88 1.35
C ALA D 72 55.76 -9.52 2.28
N ASP D 73 55.87 -8.94 3.46
CA ASP D 73 56.77 -9.44 4.51
C ASP D 73 55.93 -9.57 5.76
N THR D 74 55.61 -10.82 6.14
CA THR D 74 54.80 -11.02 7.33
C THR D 74 55.51 -10.53 8.58
N SER D 75 56.84 -10.70 8.63
CA SER D 75 57.56 -10.35 9.85
C SER D 75 57.38 -8.89 10.21
N SER D 76 57.22 -8.01 9.20
CA SER D 76 57.05 -6.57 9.42
C SER D 76 55.66 -6.07 9.05
N ASN D 77 54.75 -6.95 8.59
CA ASN D 77 53.40 -6.54 8.21
C ASN D 77 53.43 -5.42 7.17
N THR D 78 54.30 -5.56 6.18
CA THR D 78 54.43 -4.58 5.11
C THR D 78 54.17 -5.25 3.77
N ALA D 79 53.36 -4.60 2.93
CA ALA D 79 53.06 -5.08 1.59
C ALA D 79 53.55 -4.09 0.56
N TYR D 80 53.85 -4.58 -0.66
CA TYR D 80 54.45 -3.77 -1.70
C TYR D 80 53.82 -4.06 -3.04
N LEU D 81 53.75 -3.02 -3.88
CA LEU D 81 53.34 -3.13 -5.27
C LEU D 81 54.43 -2.53 -6.13
N HIS D 82 55.03 -3.34 -7.00
CA HIS D 82 56.04 -2.87 -7.93
C HIS D 82 55.43 -2.81 -9.33
N LEU D 83 55.54 -1.64 -9.97
CA LEU D 83 55.06 -1.43 -11.33
C LEU D 83 56.26 -1.18 -12.23
N SER D 84 56.35 -1.91 -13.33
CA SER D 84 57.49 -1.82 -14.22
C SER D 84 57.13 -1.01 -15.47
N SER D 85 58.18 -0.49 -16.11
CA SER D 85 58.11 0.17 -17.43
C SER D 85 56.87 1.04 -17.55
N LEU D 86 56.83 2.10 -16.75
CA LEU D 86 55.63 2.91 -16.62
C LEU D 86 55.29 3.62 -17.93
N THR D 87 54.00 3.72 -18.22
CA THR D 87 53.48 4.49 -19.33
C THR D 87 52.41 5.43 -18.82
N SER D 88 51.83 6.23 -19.73
CA SER D 88 50.78 7.16 -19.34
C SER D 88 49.58 6.41 -18.75
N GLU D 89 49.35 5.17 -19.18
CA GLU D 89 48.19 4.41 -18.73
C GLU D 89 48.28 4.04 -17.26
N ASP D 90 49.48 4.10 -16.67
CA ASP D 90 49.70 3.76 -15.28
C ASP D 90 49.43 4.91 -14.33
N THR D 91 49.25 6.12 -14.83
CA THR D 91 48.84 7.23 -13.98
C THR D 91 47.48 6.90 -13.37
N ALA D 92 47.41 6.85 -12.05
CA ALA D 92 46.23 6.38 -11.33
C ALA D 92 46.44 6.54 -9.84
N VAL D 93 45.42 6.26 -9.04
CA VAL D 93 45.57 6.10 -7.59
C VAL D 93 45.59 4.61 -7.30
N TYR D 94 46.50 4.17 -6.44
CA TYR D 94 46.65 2.74 -6.14
C TYR D 94 46.31 2.50 -4.68
N TYR D 95 45.34 1.62 -4.44
CA TYR D 95 44.85 1.32 -3.10
C TYR D 95 45.38 -0.04 -2.68
N CYS D 96 45.83 -0.12 -1.43
CA CYS D 96 46.13 -1.40 -0.83
C CYS D 96 45.01 -1.72 0.15
N VAL D 97 44.42 -2.91 -0.01
CA VAL D 97 43.22 -3.27 0.73
C VAL D 97 43.37 -4.68 1.25
N ARG D 98 42.58 -5.01 2.27
CA ARG D 98 42.58 -6.38 2.79
C ARG D 98 41.22 -7.02 2.64
N GLY D 99 41.25 -8.34 2.52
CA GLY D 99 40.04 -9.16 2.52
C GLY D 99 40.36 -10.52 3.08
N ASP D 100 39.69 -10.96 4.15
CA ASP D 100 40.09 -12.22 4.77
C ASP D 100 39.57 -13.44 4.02
N TYR D 101 38.57 -13.28 3.13
CA TYR D 101 38.18 -14.39 2.25
C TYR D 101 38.54 -14.06 0.81
N ASP D 102 39.82 -13.76 0.57
CA ASP D 102 40.34 -13.38 -0.74
C ASP D 102 39.53 -12.19 -1.23
N TYR D 103 38.88 -12.25 -2.40
CA TYR D 103 38.25 -11.07 -2.97
C TYR D 103 36.74 -11.07 -2.79
N VAL D 104 36.22 -11.89 -1.87
CA VAL D 104 34.78 -11.88 -1.62
C VAL D 104 34.32 -10.49 -1.22
N TYR D 105 35.13 -9.80 -0.42
CA TYR D 105 34.90 -8.41 -0.05
C TYR D 105 36.26 -7.84 0.39
N PHE D 106 36.36 -6.52 0.34
CA PHE D 106 37.56 -5.82 0.78
C PHE D 106 37.14 -4.97 1.97
N ASP D 107 37.44 -5.42 3.19
CA ASP D 107 36.77 -4.82 4.34
C ASP D 107 37.48 -3.60 4.90
N TYR D 108 38.76 -3.38 4.56
CA TYR D 108 39.44 -2.17 4.98
CA TYR D 108 39.45 -2.17 4.98
C TYR D 108 40.39 -1.73 3.88
N TRP D 109 40.41 -0.42 3.61
CA TRP D 109 41.14 0.17 2.49
C TRP D 109 42.19 1.15 3.00
N GLY D 110 43.37 1.10 2.41
CA GLY D 110 44.33 2.17 2.60
C GLY D 110 43.83 3.47 1.98
N GLN D 111 44.54 4.56 2.26
CA GLN D 111 44.11 5.86 1.78
C GLN D 111 44.40 6.08 0.30
N GLY D 112 45.18 5.20 -0.32
CA GLY D 112 45.55 5.29 -1.73
C GLY D 112 46.83 6.06 -1.93
N THR D 113 47.56 5.70 -2.98
CA THR D 113 48.78 6.38 -3.39
C THR D 113 48.59 6.88 -4.81
N THR D 114 48.73 8.20 -5.02
CA THR D 114 48.69 8.75 -6.36
C THR D 114 50.01 8.53 -7.07
N VAL D 115 49.94 8.00 -8.29
CA VAL D 115 51.11 7.80 -9.14
C VAL D 115 50.90 8.60 -10.42
N THR D 116 51.82 9.52 -10.73
CA THR D 116 51.76 10.32 -11.94
C THR D 116 52.99 10.03 -12.80
N VAL D 117 52.76 9.64 -14.05
CA VAL D 117 53.82 9.38 -15.02
C VAL D 117 53.97 10.64 -15.86
N SER D 118 55.14 11.27 -15.83
CA SER D 118 55.32 12.54 -16.53
C SER D 118 55.50 12.31 -18.03
N SER D 119 55.59 13.38 -18.81
CA SER D 119 55.68 13.30 -20.27
C SER D 119 56.99 12.67 -20.75
N ASP D 135 34.26 -13.01 -18.06
CA ASP D 135 34.71 -11.89 -17.24
C ASP D 135 33.55 -10.93 -16.96
N ILE D 136 33.17 -10.78 -15.68
CA ILE D 136 31.86 -10.23 -15.36
C ILE D 136 31.89 -8.71 -15.40
N GLN D 137 31.04 -8.13 -16.24
CA GLN D 137 30.92 -6.68 -16.32
C GLN D 137 29.83 -6.22 -15.35
N MET D 138 30.19 -5.29 -14.48
CA MET D 138 29.27 -4.66 -13.54
C MET D 138 28.94 -3.26 -14.01
N THR D 139 27.65 -2.94 -14.11
CA THR D 139 27.23 -1.60 -14.50
C THR D 139 26.28 -1.05 -13.45
N GLN D 140 26.31 0.27 -13.26
CA GLN D 140 25.46 0.90 -12.27
C GLN D 140 24.54 1.92 -12.93
N SER D 141 23.40 2.15 -12.27
CA SER D 141 22.32 3.06 -12.68
C SER D 141 21.71 3.69 -11.44
N PRO D 142 21.48 5.02 -11.40
CA PRO D 142 21.90 6.01 -12.39
C PRO D 142 23.39 6.30 -12.22
N SER D 143 24.01 7.07 -13.13
CA SER D 143 25.41 7.43 -12.90
C SER D 143 25.54 8.50 -11.84
N SER D 144 24.51 9.33 -11.66
CA SER D 144 24.54 10.33 -10.60
C SER D 144 23.12 10.72 -10.25
N LEU D 145 22.94 11.17 -9.01
CA LEU D 145 21.64 11.68 -8.57
C LEU D 145 21.85 12.74 -7.52
N SER D 146 20.88 13.62 -7.40
CA SER D 146 20.84 14.64 -6.36
C SER D 146 19.55 14.49 -5.56
N ALA D 147 19.66 14.61 -4.24
CA ALA D 147 18.48 14.44 -3.39
C ALA D 147 18.63 15.31 -2.16
N SER D 148 17.56 15.38 -1.36
CA SER D 148 17.53 16.24 -0.19
C SER D 148 17.74 15.43 1.08
N LEU D 149 18.19 16.13 2.12
CA LEU D 149 18.35 15.51 3.43
C LEU D 149 17.07 14.84 3.87
N GLY D 150 17.19 13.65 4.48
CA GLY D 150 16.03 12.90 4.91
C GLY D 150 15.35 12.06 3.86
N ASP D 151 15.68 12.24 2.58
CA ASP D 151 15.08 11.44 1.52
C ASP D 151 15.51 9.98 1.58
N ARG D 152 14.69 9.13 0.96
CA ARG D 152 15.07 7.76 0.63
C ARG D 152 15.58 7.73 -0.80
N VAL D 153 16.73 7.10 -1.03
CA VAL D 153 17.20 6.90 -2.40
C VAL D 153 17.65 5.48 -2.58
N THR D 154 17.48 4.98 -3.81
CA THR D 154 17.90 3.64 -4.18
C THR D 154 18.75 3.73 -5.43
N ILE D 155 19.84 2.99 -5.45
CA ILE D 155 20.70 2.90 -6.62
C ILE D 155 20.86 1.43 -6.95
N SER D 156 21.11 1.14 -8.22
CA SER D 156 21.08 -0.24 -8.69
C SER D 156 22.35 -0.58 -9.45
N CYS D 157 22.55 -1.88 -9.64
CA CYS D 157 23.60 -2.38 -10.50
C CYS D 157 23.15 -3.68 -11.13
N ARG D 158 23.77 -4.00 -12.26
CA ARG D 158 23.51 -5.23 -12.98
C ARG D 158 24.83 -5.91 -13.25
N ALA D 159 24.87 -7.23 -13.06
CA ALA D 159 26.00 -8.04 -13.45
C ALA D 159 25.70 -8.72 -14.78
N SER D 160 26.73 -8.89 -15.60
CA SER D 160 26.53 -9.50 -16.90
C SER D 160 26.20 -10.99 -16.81
N GLN D 161 26.40 -11.63 -15.66
CA GLN D 161 25.89 -12.96 -15.42
C GLN D 161 25.58 -13.11 -13.94
N ASP D 162 24.91 -14.21 -13.62
CA ASP D 162 24.44 -14.47 -12.25
C ASP D 162 25.62 -14.56 -11.29
N ILE D 163 25.58 -13.77 -10.21
CA ILE D 163 26.66 -13.75 -9.23
C ILE D 163 26.20 -14.26 -7.86
N SER D 164 25.01 -14.84 -7.77
CA SER D 164 24.59 -15.63 -6.60
C SER D 164 24.76 -14.86 -5.29
N ASN D 165 24.39 -13.58 -5.32
CA ASN D 165 24.35 -12.69 -4.16
C ASN D 165 25.73 -12.26 -3.65
N PHE D 166 26.82 -12.61 -4.35
CA PHE D 166 28.16 -12.16 -3.94
C PHE D 166 28.39 -10.75 -4.50
N LEU D 167 27.76 -9.78 -3.87
CA LEU D 167 27.70 -8.41 -4.37
C LEU D 167 27.95 -7.47 -3.21
N ASP D 168 28.93 -6.59 -3.35
CA ASP D 168 29.33 -5.67 -2.30
C ASP D 168 29.15 -4.23 -2.77
N TRP D 169 28.96 -3.34 -1.80
CA TRP D 169 28.86 -1.90 -2.03
C TRP D 169 29.94 -1.19 -1.22
N TYR D 170 30.65 -0.29 -1.90
CA TYR D 170 31.66 0.56 -1.27
C TYR D 170 31.26 2.03 -1.39
N GLN D 171 31.68 2.82 -0.43
CA GLN D 171 31.44 4.25 -0.42
C GLN D 171 32.78 5.00 -0.48
N GLN D 172 32.93 5.89 -1.46
CA GLN D 172 34.15 6.68 -1.60
C GLN D 172 33.81 8.15 -1.39
N LYS D 173 34.40 8.76 -0.38
CA LYS D 173 34.13 10.14 -0.04
C LYS D 173 34.86 11.08 -1.01
N PRO D 174 34.50 12.37 -1.02
CA PRO D 174 35.20 13.32 -1.92
C PRO D 174 36.71 13.34 -1.73
N ASP D 175 37.23 12.98 -0.56
CA ASP D 175 38.66 12.99 -0.30
C ASP D 175 39.35 11.69 -0.69
N GLY D 176 38.64 10.76 -1.34
CA GLY D 176 39.24 9.54 -1.83
C GLY D 176 39.19 8.37 -0.88
N THR D 177 38.77 8.57 0.38
CA THR D 177 38.67 7.47 1.33
C THR D 177 37.55 6.52 0.92
N VAL D 178 37.82 5.22 1.01
CA VAL D 178 36.87 4.18 0.62
C VAL D 178 36.55 3.33 1.84
N LYS D 179 35.27 2.99 2.00
CA LYS D 179 34.84 2.10 3.07
C LYS D 179 33.88 1.07 2.49
N LEU D 180 33.95 -0.14 3.04
CA LEU D 180 32.97 -1.17 2.73
C LEU D 180 31.69 -0.85 3.48
N LEU D 181 30.56 -0.81 2.76
CA LEU D 181 29.25 -0.64 3.39
C LEU D 181 28.52 -1.97 3.57
N ILE D 182 28.35 -2.71 2.48
CA ILE D 182 27.51 -3.90 2.47
C ILE D 182 28.25 -4.99 1.70
N TYR D 183 28.15 -6.23 2.20
CA TYR D 183 28.70 -7.38 1.49
C TYR D 183 27.64 -8.47 1.41
N TYR D 184 27.84 -9.41 0.49
CA TYR D 184 26.89 -10.49 0.26
C TYR D 184 25.46 -9.96 0.15
N THR D 185 25.32 -8.95 -0.71
CA THR D 185 24.04 -8.30 -1.07
C THR D 185 23.45 -7.46 0.05
N SER D 186 23.34 -8.01 1.26
CA SER D 186 22.51 -7.38 2.28
C SER D 186 23.14 -7.30 3.67
N ARG D 187 24.39 -7.70 3.83
CA ARG D 187 25.03 -7.74 5.13
C ARG D 187 25.78 -6.44 5.38
N LEU D 188 25.52 -5.83 6.53
CA LEU D 188 26.13 -4.55 6.85
C LEU D 188 27.51 -4.78 7.47
N HIS D 189 28.51 -4.06 6.96
CA HIS D 189 29.83 -4.08 7.58
C HIS D 189 29.75 -3.47 8.98
N SER D 190 30.76 -3.80 9.79
CA SER D 190 30.83 -3.30 11.16
C SER D 190 30.78 -1.78 11.19
N GLY D 191 29.89 -1.24 12.02
CA GLY D 191 29.78 0.18 12.20
C GLY D 191 28.92 0.90 11.19
N VAL D 192 28.44 0.23 10.15
CA VAL D 192 27.59 0.88 9.16
C VAL D 192 26.20 1.10 9.76
N PRO D 193 25.65 2.30 9.68
CA PRO D 193 24.33 2.55 10.30
C PRO D 193 23.20 1.83 9.55
N SER D 194 22.11 1.62 10.28
CA SER D 194 21.01 0.79 9.77
C SER D 194 20.25 1.43 8.62
N ARG D 195 20.40 2.74 8.39
CA ARG D 195 19.71 3.33 7.24
C ARG D 195 20.23 2.81 5.91
N PHE D 196 21.35 2.08 5.91
CA PHE D 196 21.85 1.43 4.70
C PHE D 196 21.29 0.02 4.61
N SER D 197 20.81 -0.35 3.43
CA SER D 197 20.39 -1.72 3.20
C SER D 197 20.58 -2.06 1.74
N GLY D 198 20.69 -3.36 1.46
CA GLY D 198 20.87 -3.84 0.11
C GLY D 198 19.94 -5.01 -0.16
N SER D 199 19.59 -5.18 -1.43
CA SER D 199 18.73 -6.28 -1.83
C SER D 199 19.11 -6.70 -3.24
N GLY D 200 18.39 -7.69 -3.74
CA GLY D 200 18.63 -8.23 -5.07
C GLY D 200 19.01 -9.70 -5.05
N SER D 201 19.17 -10.24 -6.26
CA SER D 201 19.50 -11.64 -6.49
C SER D 201 19.78 -11.79 -7.98
N GLY D 202 20.38 -12.92 -8.35
CA GLY D 202 20.70 -13.18 -9.74
C GLY D 202 21.69 -12.17 -10.30
N THR D 203 21.23 -11.35 -11.25
CA THR D 203 22.07 -10.32 -11.87
C THR D 203 21.73 -8.90 -11.42
N ASP D 204 20.71 -8.71 -10.58
CA ASP D 204 20.11 -7.40 -10.33
C ASP D 204 20.13 -7.07 -8.85
N TYR D 205 20.86 -6.01 -8.47
CA TYR D 205 21.04 -5.65 -7.07
C TYR D 205 20.82 -4.15 -6.87
N SER D 206 20.54 -3.78 -5.63
CA SER D 206 20.27 -2.39 -5.30
C SER D 206 20.71 -2.07 -3.88
N LEU D 207 21.08 -0.81 -3.68
CA LEU D 207 21.43 -0.24 -2.40
C LEU D 207 20.44 0.87 -2.08
N THR D 208 19.95 0.91 -0.85
CA THR D 208 18.97 1.91 -0.42
C THR D 208 19.51 2.64 0.81
N ILE D 209 19.46 3.98 0.77
CA ILE D 209 19.69 4.81 1.94
C ILE D 209 18.34 5.37 2.37
N SER D 210 17.93 5.08 3.61
CA SER D 210 16.55 5.31 4.01
C SER D 210 16.28 6.77 4.40
N LYS D 211 17.25 7.46 5.03
CA LYS D 211 17.10 8.87 5.40
C LYS D 211 18.45 9.56 5.22
N LEU D 212 18.60 10.25 4.10
CA LEU D 212 19.87 10.81 3.68
C LEU D 212 20.42 11.80 4.70
N GLU D 213 21.71 11.68 5.00
CA GLU D 213 22.40 12.61 5.87
C GLU D 213 23.56 13.25 5.10
N GLN D 214 24.10 14.32 5.68
CA GLN D 214 25.16 15.09 5.01
C GLN D 214 26.34 14.22 4.65
N GLU D 215 26.72 13.32 5.56
CA GLU D 215 27.91 12.50 5.39
C GLU D 215 27.77 11.50 4.25
N ASP D 216 26.54 11.23 3.80
CA ASP D 216 26.31 10.26 2.75
C ASP D 216 26.72 10.76 1.37
N ILE D 217 27.12 12.03 1.24
CA ILE D 217 27.59 12.53 -0.06
C ILE D 217 28.87 11.77 -0.42
N ALA D 218 28.80 11.01 -1.52
CA ALA D 218 29.91 10.15 -1.91
C ALA D 218 29.60 9.52 -3.26
N THR D 219 30.58 8.80 -3.79
CA THR D 219 30.35 7.92 -4.93
C THR D 219 30.25 6.48 -4.42
N TYR D 220 29.26 5.74 -4.91
CA TYR D 220 28.98 4.39 -4.45
C TYR D 220 29.29 3.40 -5.55
N PHE D 221 30.10 2.38 -5.23
CA PHE D 221 30.59 1.40 -6.19
C PHE D 221 30.12 0.02 -5.77
N CYS D 222 29.67 -0.77 -6.75
CA CYS D 222 29.41 -2.17 -6.51
C CYS D 222 30.61 -3.02 -6.93
N GLN D 223 30.63 -4.26 -6.46
CA GLN D 223 31.70 -5.19 -6.82
C GLN D 223 31.15 -6.60 -6.69
N GLN D 224 31.42 -7.46 -7.68
CA GLN D 224 31.07 -8.86 -7.53
C GLN D 224 32.29 -9.59 -6.97
N GLY D 225 32.05 -10.45 -5.97
CA GLY D 225 33.12 -11.22 -5.34
C GLY D 225 33.04 -12.71 -5.60
N ASN D 226 32.38 -13.08 -6.69
CA ASN D 226 31.91 -14.43 -7.03
C ASN D 226 32.88 -15.17 -7.95
N THR D 227 33.51 -14.46 -8.86
CA THR D 227 34.03 -15.03 -10.08
C THR D 227 35.36 -14.36 -10.38
N PHE D 228 36.41 -15.14 -10.59
CA PHE D 228 37.72 -14.55 -10.82
C PHE D 228 37.75 -13.93 -12.22
N PRO D 229 38.25 -12.69 -12.36
CA PRO D 229 38.69 -11.77 -11.32
C PRO D 229 37.54 -10.94 -10.74
N PRO D 230 37.66 -10.46 -9.50
CA PRO D 230 36.66 -9.51 -8.99
C PRO D 230 36.62 -8.27 -9.86
N THR D 231 35.41 -7.73 -10.06
CA THR D 231 35.22 -6.58 -10.93
C THR D 231 34.28 -5.58 -10.25
N PHE D 232 34.47 -4.30 -10.57
CA PHE D 232 33.77 -3.18 -9.95
C PHE D 232 32.85 -2.49 -10.96
N GLY D 233 31.74 -1.95 -10.46
CA GLY D 233 30.91 -1.08 -11.27
C GLY D 233 31.53 0.29 -11.47
N GLY D 234 30.88 1.10 -12.32
CA GLY D 234 31.40 2.41 -12.65
C GLY D 234 31.12 3.51 -11.65
N GLY D 235 30.31 3.24 -10.63
CA GLY D 235 30.05 4.19 -9.55
C GLY D 235 28.80 5.01 -9.79
N THR D 236 28.15 5.40 -8.69
CA THR D 236 27.02 6.30 -8.72
C THR D 236 27.36 7.46 -7.79
N LYS D 237 27.43 8.67 -8.34
CA LYS D 237 27.70 9.83 -7.51
C LYS D 237 26.42 10.35 -6.87
N LEU D 238 26.41 10.47 -5.55
CA LEU D 238 25.25 10.97 -4.82
C LEU D 238 25.57 12.34 -4.24
N GLU D 239 24.79 13.35 -4.62
CA GLU D 239 24.96 14.71 -4.14
C GLU D 239 23.67 15.16 -3.45
N ILE D 240 23.79 16.14 -2.57
CA ILE D 240 22.64 16.69 -1.85
C ILE D 240 22.20 17.98 -2.53
N LYS D 241 20.90 18.08 -2.86
CA LYS D 241 20.35 19.27 -3.48
C LYS D 241 20.28 20.39 -2.45
N ARG D 242 20.91 21.52 -2.78
CA ARG D 242 21.10 22.58 -1.79
C ARG D 242 20.55 23.93 -2.28
#